data_7NAK
#
_entry.id   7NAK
#
_cell.length_a   1.00
_cell.length_b   1.00
_cell.length_c   1.00
_cell.angle_alpha   90.00
_cell.angle_beta   90.00
_cell.angle_gamma   90.00
#
_symmetry.space_group_name_H-M   'P 1'
#
loop_
_entity.id
_entity.type
_entity.pdbx_description
1 polymer 'NAD(+) hydrolase SARM1'
2 non-polymer '[[(2~{R},3~{S},4~{R},5~{R})-5-(6-aminopurin-9-yl)-3,4-bis(oxidanyl)oxolan-2-yl]methoxy-oxidanyl-phosphoryl] [(2~{R},3~{S},4~{R},5~{R})-5-(5-iodanylisoquinolin-2-yl)-3,4-bis(oxidanyl)oxolan-2-yl]methyl hydrogen phosphate'
#
_entity_poly.entity_id   1
_entity_poly.type   'polypeptide(L)'
_entity_poly.pdbx_seq_one_letter_code
;LAVPGPDGGGGTGPWWAAGGRGPREVSPGAGTEVQDALERALPELQQALSALKQAGGARAVGAGLAEVFQLVEEAWLLPA
VGREVAQGLCDAIRLDGGLDLLLRLLQAPELETRVQAARLLEQILVAENRDRVARIGLGVILNLAKEREPVELARSVAGI
LEHMFKHSEETCQRLVAAGGLDAVLYWCRRTDPALLRHCALALGNCALHGGQAVQRRMVEKRAAEWLFPLAFSKEDELLR
LHACLAVAVLATNKEVEREVERSGTLALVEPLVASLDPGRFARCLVDASDTSQGRGPDDLQRLVPLLDSNRLEAQCIGAF
YLCAEAAIKSLQGKTKVFSDIGAIQSLKRLVSYSTNGTKSALAKRALRLLGEEVPRPILPSVPSWKEAEVQTWLQQIGFS
KYCESFREQQVDGDLLLRLTEEELQTDLGMKSGITRKRFFRELTELKTFANYSTCDRSNLADWLGSLDPRFRQYTYGLVS
CGLDRSLLHRVSEQQLLEDCGIHLGVHRARILTAAREMLHSPLPCTGGKPSGDTPDVFISYRRNSGSQLASLLKVHLQLH
GFSVFIDVEKLEAGKFEDKLIQSVMGARNFVLVLSPGALDKCMQDHDCKDWVHKEIVTALSCGKNIVPIIDGFEWPEPQV
LPEDMQAVLTFNGIKWSHEYQEATIEKIIRFLQGRSSRDSSAGSDTSLEGAAPMGPT
;
_entity_poly.pdbx_strand_id   D,C,G,B,A,E,F,H
#
loop_
_chem_comp.id
_chem_comp.type
_chem_comp.name
_chem_comp.formula
1QD non-polymer '[[(2~{R},3~{S},4~{R},5~{R})-5-(6-aminopurin-9-yl)-3,4-bis(oxidanyl)oxolan-2-yl]methoxy-oxidanyl-phosphoryl] [(2~{R},3~{S},4~{R},5~{R})-5-(5-iodanylisoquinolin-2-yl)-3,4-bis(oxidanyl)oxolan-2-yl]methyl hydrogen phosphate' 'C24 H28 I N6 O13 P2 1'
#
# COMPACT_ATOMS: atom_id res chain seq x y z
N THR A 534 -23.70 -1.78 19.51
CA THR A 534 -22.78 -1.48 20.63
C THR A 534 -21.56 -2.40 20.61
N PRO A 535 -20.34 -1.82 20.66
CA PRO A 535 -19.15 -2.66 20.75
C PRO A 535 -18.65 -2.78 22.18
N ASP A 536 -18.44 -4.01 22.66
CA ASP A 536 -17.99 -4.20 24.03
C ASP A 536 -16.66 -3.52 24.27
N VAL A 537 -15.71 -3.70 23.35
CA VAL A 537 -14.37 -3.14 23.48
C VAL A 537 -14.15 -2.17 22.32
N PHE A 538 -13.20 -1.25 22.51
CA PHE A 538 -12.84 -0.28 21.49
C PHE A 538 -11.34 -0.08 21.53
N ILE A 539 -10.66 -0.40 20.43
CA ILE A 539 -9.21 -0.33 20.36
C ILE A 539 -8.82 1.00 19.70
N SER A 540 -7.95 1.75 20.37
CA SER A 540 -7.42 3.01 19.85
C SER A 540 -5.91 2.86 19.74
N TYR A 541 -5.40 2.85 18.51
CA TYR A 541 -4.00 2.56 18.24
C TYR A 541 -3.47 3.53 17.20
N ARG A 542 -2.15 3.68 17.18
CA ARG A 542 -1.49 4.39 16.09
C ARG A 542 -1.29 3.45 14.91
N ARG A 543 -1.43 3.99 13.70
CA ARG A 543 -1.46 3.15 12.51
C ARG A 543 -0.08 2.64 12.12
N ASN A 544 0.96 3.43 12.35
CA ASN A 544 2.29 3.13 11.83
C ASN A 544 3.13 2.26 12.76
N SER A 545 2.59 1.81 13.89
CA SER A 545 3.37 0.99 14.79
C SER A 545 2.52 0.08 15.66
N GLY A 546 1.27 0.44 15.90
CA GLY A 546 0.39 -0.34 16.74
C GLY A 546 -0.61 -1.21 16.01
N SER A 547 -0.47 -1.36 14.69
CA SER A 547 -1.46 -2.11 13.92
C SER A 547 -1.28 -3.61 14.07
N GLN A 548 -0.03 -4.07 14.19
CA GLN A 548 0.21 -5.50 14.36
C GLN A 548 -0.26 -5.97 15.73
N LEU A 549 0.05 -5.21 16.78
CA LEU A 549 -0.46 -5.54 18.10
C LEU A 549 -1.98 -5.40 18.14
N ALA A 550 -2.52 -4.34 17.55
CA ALA A 550 -3.95 -4.10 17.61
C ALA A 550 -4.74 -5.23 16.95
N SER A 551 -4.25 -5.74 15.82
CA SER A 551 -4.98 -6.77 15.09
C SER A 551 -4.92 -8.12 15.81
N LEU A 552 -3.79 -8.44 16.43
CA LEU A 552 -3.70 -9.66 17.22
C LEU A 552 -4.63 -9.61 18.43
N LEU A 553 -4.74 -8.44 19.06
CA LEU A 553 -5.65 -8.28 20.18
C LEU A 553 -7.09 -8.56 19.78
N LYS A 554 -7.51 -8.02 18.63
CA LYS A 554 -8.88 -8.19 18.18
C LYS A 554 -9.25 -9.66 18.02
N VAL A 555 -8.30 -10.47 17.52
CA VAL A 555 -8.59 -11.88 17.28
C VAL A 555 -8.78 -12.61 18.60
N HIS A 556 -7.87 -12.40 19.56
CA HIS A 556 -7.96 -13.12 20.82
C HIS A 556 -9.15 -12.66 21.65
N LEU A 557 -9.43 -11.36 21.66
CA LEU A 557 -10.60 -10.86 22.38
C LEU A 557 -11.88 -11.44 21.80
N GLN A 558 -11.97 -11.51 20.47
CA GLN A 558 -13.20 -12.00 19.83
C GLN A 558 -13.46 -13.46 20.15
N LEU A 559 -12.41 -14.29 20.19
CA LEU A 559 -12.60 -15.72 20.44
C LEU A 559 -13.22 -15.99 21.81
N HIS A 560 -13.13 -15.04 22.74
CA HIS A 560 -13.70 -15.20 24.06
C HIS A 560 -15.12 -14.65 24.16
N GLY A 561 -15.70 -14.20 23.05
CA GLY A 561 -17.05 -13.71 23.03
C GLY A 561 -17.20 -12.21 23.05
N PHE A 562 -16.10 -11.46 23.01
CA PHE A 562 -16.17 -10.01 23.01
C PHE A 562 -16.56 -9.50 21.63
N SER A 563 -16.91 -8.22 21.58
CA SER A 563 -17.30 -7.53 20.35
C SER A 563 -16.42 -6.29 20.24
N VAL A 564 -15.28 -6.45 19.59
CA VAL A 564 -14.29 -5.38 19.47
C VAL A 564 -14.68 -4.48 18.31
N PHE A 565 -14.26 -3.22 18.40
CA PHE A 565 -14.43 -2.25 17.32
C PHE A 565 -13.05 -1.79 16.88
N ILE A 566 -12.72 -2.06 15.62
CA ILE A 566 -11.51 -1.55 14.99
C ILE A 566 -11.93 -0.83 13.72
N ASP A 567 -11.24 0.27 13.42
CA ASP A 567 -11.70 1.15 12.34
C ASP A 567 -11.70 0.44 10.99
N VAL A 568 -10.67 -0.36 10.71
CA VAL A 568 -10.48 -0.94 9.39
C VAL A 568 -11.49 -2.05 9.13
N GLU A 569 -12.32 -2.37 10.12
CA GLU A 569 -13.30 -3.45 10.00
C GLU A 569 -14.74 -2.98 10.06
N LYS A 570 -15.04 -1.94 10.84
CA LYS A 570 -16.41 -1.51 11.06
C LYS A 570 -16.71 -0.08 10.64
N LEU A 571 -15.68 0.74 10.41
CA LEU A 571 -15.90 2.07 9.85
C LEU A 571 -16.37 1.94 8.40
N GLU A 572 -17.45 2.64 8.05
CA GLU A 572 -18.06 2.48 6.73
C GLU A 572 -18.29 3.83 6.05
N ALA A 573 -19.40 3.97 5.32
CA ALA A 573 -19.59 5.10 4.42
C ALA A 573 -20.13 6.31 5.16
N GLY A 574 -19.61 7.48 4.81
CA GLY A 574 -20.01 8.75 5.40
C GLY A 574 -18.87 9.37 6.19
N LYS A 575 -19.17 10.54 6.75
CA LYS A 575 -18.21 11.21 7.61
C LYS A 575 -17.88 10.31 8.80
N PHE A 576 -16.58 10.14 9.06
CA PHE A 576 -16.12 9.15 10.02
C PHE A 576 -16.05 9.68 11.44
N GLU A 577 -15.81 10.97 11.63
CA GLU A 577 -15.66 11.51 12.97
C GLU A 577 -16.90 11.27 13.81
N ASP A 578 -18.09 11.50 13.25
CA ASP A 578 -19.31 11.33 14.02
C ASP A 578 -19.54 9.89 14.44
N LYS A 579 -18.82 8.93 13.87
CA LYS A 579 -19.11 7.52 14.12
C LYS A 579 -18.31 6.94 15.28
N LEU A 580 -16.99 7.10 15.29
CA LEU A 580 -16.20 6.49 16.36
C LEU A 580 -16.37 7.22 17.68
N ILE A 581 -16.44 8.55 17.65
CA ILE A 581 -16.76 9.30 18.87
C ILE A 581 -18.10 8.82 19.43
N GLN A 582 -19.05 8.54 18.55
CA GLN A 582 -20.30 7.94 18.99
C GLN A 582 -20.14 6.45 19.34
N SER A 583 -19.09 5.79 18.84
CA SER A 583 -18.85 4.38 19.16
C SER A 583 -18.03 4.21 20.42
N VAL A 584 -17.06 5.09 20.66
CA VAL A 584 -16.32 5.05 21.91
C VAL A 584 -17.25 5.30 23.09
N MET A 585 -18.09 6.33 22.96
CA MET A 585 -19.03 6.64 24.03
C MET A 585 -19.88 5.43 24.37
N GLY A 586 -20.22 4.62 23.38
CA GLY A 586 -20.94 3.39 23.61
C GLY A 586 -20.08 2.20 23.98
N ALA A 587 -18.76 2.36 23.95
CA ALA A 587 -17.85 1.26 24.25
C ALA A 587 -17.66 1.13 25.76
N ARG A 588 -17.99 -0.04 26.30
CA ARG A 588 -17.87 -0.25 27.74
C ARG A 588 -16.42 -0.11 28.20
N ASN A 589 -15.49 -0.70 27.45
CA ASN A 589 -14.07 -0.68 27.76
C ASN A 589 -13.34 0.21 26.75
N PHE A 590 -12.01 0.24 26.86
CA PHE A 590 -11.24 1.12 26.01
C PHE A 590 -9.75 0.77 26.01
N VAL A 591 -9.38 -0.23 25.21
CA VAL A 591 -7.98 -0.62 25.09
C VAL A 591 -7.22 0.47 24.34
N LEU A 592 -6.13 0.94 24.92
CA LEU A 592 -5.24 1.91 24.28
C LEU A 592 -3.88 1.24 24.09
N VAL A 593 -3.61 0.80 22.87
CA VAL A 593 -2.32 0.19 22.57
C VAL A 593 -1.25 1.28 22.58
N LEU A 594 -0.26 1.11 23.45
CA LEU A 594 0.90 2.00 23.51
C LEU A 594 2.08 1.34 22.82
N SER A 595 2.83 2.14 22.08
CA SER A 595 3.88 1.67 21.18
C SER A 595 4.99 2.70 21.21
N PRO A 596 6.23 2.31 20.86
CA PRO A 596 7.34 3.27 20.91
C PRO A 596 6.98 4.60 20.28
N GLY A 597 6.79 5.61 21.12
CA GLY A 597 6.39 6.91 20.62
C GLY A 597 4.95 6.98 20.15
N ALA A 598 4.07 6.14 20.68
CA ALA A 598 2.68 6.17 20.26
C ALA A 598 2.08 7.55 20.49
N LEU A 599 2.31 8.14 21.66
CA LEU A 599 1.80 9.47 21.97
C LEU A 599 2.78 10.58 21.57
N ASP A 600 3.64 10.32 20.58
CA ASP A 600 4.56 11.36 20.12
C ASP A 600 3.82 12.52 19.48
N LYS A 601 2.70 12.25 18.83
CA LYS A 601 2.01 13.27 18.06
C LYS A 601 1.00 14.06 18.89
N CYS A 602 0.77 13.66 20.15
CA CYS A 602 -0.20 14.34 20.99
C CYS A 602 0.37 15.54 21.75
N MET A 603 1.67 15.72 21.81
CA MET A 603 2.20 16.90 22.47
C MET A 603 1.91 18.15 21.65
N GLN A 604 1.56 19.23 22.35
CA GLN A 604 1.27 20.53 21.77
C GLN A 604 0.03 20.53 20.89
N ASP A 605 -0.71 19.43 20.84
CA ASP A 605 -1.94 19.35 20.06
C ASP A 605 -3.13 19.90 20.85
N HIS A 606 -2.95 21.07 21.44
CA HIS A 606 -4.02 21.68 22.23
C HIS A 606 -5.29 21.87 21.43
N ASP A 607 -5.18 21.97 20.11
CA ASP A 607 -6.35 22.12 19.25
C ASP A 607 -7.28 20.93 19.30
N CYS A 608 -6.83 19.78 19.81
CA CYS A 608 -7.65 18.58 19.87
C CYS A 608 -7.95 18.05 18.47
N LYS A 609 -6.98 18.22 17.57
CA LYS A 609 -7.11 17.76 16.19
C LYS A 609 -6.47 16.39 15.98
N ASP A 610 -5.35 16.12 16.64
CA ASP A 610 -4.73 14.81 16.52
C ASP A 610 -5.69 13.74 17.01
N TRP A 611 -5.65 12.57 16.35
CA TRP A 611 -6.78 11.66 16.47
C TRP A 611 -6.61 10.71 17.65
N VAL A 612 -5.39 10.25 17.92
CA VAL A 612 -5.12 9.53 19.17
C VAL A 612 -5.42 10.44 20.36
N HIS A 613 -5.06 11.71 20.25
CA HIS A 613 -5.30 12.69 21.31
C HIS A 613 -6.79 12.79 21.63
N LYS A 614 -7.60 13.20 20.65
CA LYS A 614 -9.02 13.42 20.92
C LYS A 614 -9.78 12.12 21.17
N GLU A 615 -9.21 10.97 20.80
CA GLU A 615 -9.85 9.71 21.15
C GLU A 615 -9.75 9.42 22.64
N ILE A 616 -8.63 9.76 23.25
CA ILE A 616 -8.47 9.53 24.69
C ILE A 616 -9.36 10.48 25.48
N VAL A 617 -9.43 11.74 25.06
CA VAL A 617 -10.15 12.75 25.82
C VAL A 617 -11.61 12.36 26.00
N THR A 618 -12.25 11.85 24.95
CA THR A 618 -13.67 11.52 25.03
C THR A 618 -13.94 10.38 26.01
N ALA A 619 -12.94 9.56 26.32
CA ALA A 619 -13.10 8.49 27.29
C ALA A 619 -12.76 8.94 28.70
N LEU A 620 -11.79 9.85 28.85
CA LEU A 620 -11.59 10.52 30.12
C LEU A 620 -12.80 11.40 30.46
N SER A 621 -13.30 12.15 29.47
CA SER A 621 -14.49 12.97 29.68
C SER A 621 -15.69 12.12 30.04
N CYS A 622 -15.87 10.99 29.34
CA CYS A 622 -16.96 10.09 29.62
C CYS A 622 -16.64 9.09 30.72
N GLY A 623 -15.40 9.09 31.22
CA GLY A 623 -15.03 8.24 32.34
C GLY A 623 -15.13 6.76 32.04
N LYS A 624 -14.51 6.31 30.94
CA LYS A 624 -14.51 4.91 30.59
C LYS A 624 -13.36 4.19 31.28
N ASN A 625 -13.29 2.88 31.08
CA ASN A 625 -12.25 2.04 31.68
C ASN A 625 -11.05 2.02 30.76
N ILE A 626 -10.06 2.87 31.06
CA ILE A 626 -8.88 2.99 30.21
C ILE A 626 -7.86 1.94 30.61
N VAL A 627 -7.44 1.14 29.64
CA VAL A 627 -6.55 0.00 29.89
C VAL A 627 -5.34 0.11 28.97
N PRO A 628 -4.30 0.86 29.35
CA PRO A 628 -3.12 0.95 28.48
C PRO A 628 -2.43 -0.40 28.33
N ILE A 629 -2.03 -0.71 27.10
CA ILE A 629 -1.26 -1.90 26.77
C ILE A 629 0.15 -1.44 26.41
N ILE A 630 1.15 -1.98 27.10
CA ILE A 630 2.52 -1.49 26.98
C ILE A 630 3.32 -2.48 26.13
N ASP A 631 3.81 -2.02 24.98
CA ASP A 631 4.70 -2.80 24.12
C ASP A 631 5.77 -1.85 23.61
N GLY A 632 6.87 -1.73 24.35
CA GLY A 632 7.99 -0.90 23.94
C GLY A 632 7.84 0.57 24.24
N PHE A 633 6.90 0.96 25.09
CA PHE A 633 6.64 2.36 25.36
C PHE A 633 7.52 2.87 26.50
N GLU A 634 7.89 4.15 26.42
CA GLU A 634 8.63 4.83 27.46
C GLU A 634 7.74 5.90 28.08
N TRP A 635 7.87 6.09 29.40
CA TRP A 635 7.00 7.00 30.13
C TRP A 635 7.68 8.35 30.30
N PRO A 636 7.16 9.43 29.71
CA PRO A 636 7.82 10.74 29.86
C PRO A 636 7.31 11.52 31.05
N GLU A 637 7.81 12.73 31.21
CA GLU A 637 7.26 13.63 32.22
C GLU A 637 5.80 13.92 31.89
N PRO A 638 4.87 13.98 32.88
CA PRO A 638 3.45 14.19 32.57
C PRO A 638 3.17 15.63 32.12
N GLN A 639 4.09 16.60 32.36
CA GLN A 639 3.81 18.00 32.06
C GLN A 639 3.61 18.22 30.56
N VAL A 640 4.37 17.51 29.72
CA VAL A 640 4.42 17.84 28.30
C VAL A 640 3.09 17.57 27.63
N LEU A 641 2.40 16.50 28.02
CA LEU A 641 1.15 16.14 27.38
C LEU A 641 0.10 17.21 27.63
N PRO A 642 -0.92 17.30 26.77
CA PRO A 642 -2.00 18.27 27.01
C PRO A 642 -2.72 18.00 28.32
N GLU A 643 -3.14 19.08 28.98
CA GLU A 643 -3.75 18.95 30.30
C GLU A 643 -5.06 18.18 30.25
N ASP A 644 -5.76 18.22 29.12
CA ASP A 644 -7.02 17.50 29.01
C ASP A 644 -6.84 15.98 29.01
N MET A 645 -5.62 15.49 28.77
CA MET A 645 -5.36 14.06 28.67
C MET A 645 -4.29 13.62 29.66
N GLN A 646 -3.91 14.48 30.59
CA GLN A 646 -2.85 14.13 31.54
C GLN A 646 -3.26 13.00 32.48
N ALA A 647 -4.56 12.79 32.69
CA ALA A 647 -5.01 11.74 33.57
C ALA A 647 -4.76 10.34 33.00
N VAL A 648 -4.34 10.23 31.74
CA VAL A 648 -4.12 8.92 31.14
C VAL A 648 -2.87 8.27 31.72
N LEU A 649 -1.85 9.05 32.06
CA LEU A 649 -0.63 8.48 32.60
C LEU A 649 -0.81 7.86 33.97
N THR A 650 -1.94 8.11 34.64
CA THR A 650 -2.18 7.63 36.00
C THR A 650 -3.07 6.40 36.01
N PHE A 651 -2.87 5.48 35.07
CA PHE A 651 -3.66 4.26 34.96
C PHE A 651 -2.75 3.04 35.05
N ASN A 652 -3.35 1.91 35.41
CA ASN A 652 -2.62 0.65 35.54
C ASN A 652 -2.52 0.00 34.17
N GLY A 653 -1.29 -0.12 33.65
CA GLY A 653 -1.07 -0.72 32.36
C GLY A 653 -0.73 -2.19 32.44
N ILE A 654 -0.95 -2.88 31.32
CA ILE A 654 -0.57 -4.28 31.15
C ILE A 654 0.63 -4.33 30.22
N LYS A 655 1.67 -5.02 30.64
CA LYS A 655 2.88 -5.16 29.83
C LYS A 655 2.73 -6.37 28.91
N TRP A 656 2.77 -6.14 27.61
CA TRP A 656 2.71 -7.23 26.65
C TRP A 656 4.05 -7.97 26.63
N SER A 657 3.98 -9.30 26.70
CA SER A 657 5.18 -10.14 26.67
C SER A 657 5.02 -11.18 25.56
N HIS A 658 6.06 -11.33 24.75
CA HIS A 658 6.05 -12.34 23.70
C HIS A 658 6.48 -13.71 24.21
N GLU A 659 7.19 -13.77 25.33
CA GLU A 659 7.55 -15.06 25.91
C GLU A 659 6.35 -15.70 26.62
N TYR A 660 5.51 -14.87 27.24
CA TYR A 660 4.36 -15.34 27.99
C TYR A 660 3.09 -14.67 27.47
N GLN A 661 2.76 -14.96 26.20
CA GLN A 661 1.56 -14.37 25.60
C GLN A 661 0.29 -14.95 26.21
N GLU A 662 0.29 -16.25 26.49
CA GLU A 662 -0.87 -16.88 27.10
C GLU A 662 -1.22 -16.25 28.44
N ALA A 663 -0.23 -15.67 29.13
CA ALA A 663 -0.45 -15.10 30.45
C ALA A 663 -0.89 -13.64 30.38
N THR A 664 -0.39 -12.89 29.40
CA THR A 664 -0.81 -11.51 29.25
C THR A 664 -2.18 -11.38 28.62
N ILE A 665 -2.65 -12.41 27.91
CA ILE A 665 -4.01 -12.37 27.39
C ILE A 665 -5.02 -12.53 28.52
N GLU A 666 -4.77 -13.47 29.43
CA GLU A 666 -5.70 -13.68 30.53
C GLU A 666 -5.81 -12.43 31.41
N LYS A 667 -4.69 -11.74 31.63
CA LYS A 667 -4.73 -10.53 32.46
C LYS A 667 -5.54 -9.44 31.79
N ILE A 668 -5.43 -9.31 30.46
CA ILE A 668 -6.22 -8.32 29.75
C ILE A 668 -7.71 -8.62 29.91
N ILE A 669 -8.09 -9.88 29.71
CA ILE A 669 -9.48 -10.27 29.86
C ILE A 669 -9.97 -10.01 31.28
N ARG A 670 -9.06 -9.98 32.26
CA ARG A 670 -9.45 -9.66 33.62
C ARG A 670 -9.68 -8.18 33.83
N PHE A 671 -8.92 -7.33 33.15
CA PHE A 671 -9.11 -5.88 33.28
C PHE A 671 -10.37 -5.39 32.58
N LEU A 672 -11.04 -6.23 31.79
CA LEU A 672 -12.20 -5.80 31.01
C LEU A 672 -13.47 -6.17 31.74
N GLN A 673 -14.36 -5.18 31.89
CA GLN A 673 -15.63 -5.36 32.56
C GLN A 673 -16.77 -5.03 31.61
N THR B 534 -32.36 9.02 -13.37
CA THR B 534 -30.91 9.41 -13.43
C THR B 534 -30.02 8.23 -12.97
N PRO B 535 -28.86 7.93 -13.61
CA PRO B 535 -27.95 6.88 -13.12
C PRO B 535 -27.65 6.99 -11.62
N ASP B 536 -27.51 5.86 -10.91
CA ASP B 536 -27.28 5.83 -9.43
C ASP B 536 -25.92 6.44 -9.07
N VAL B 537 -24.82 6.07 -9.71
CA VAL B 537 -23.47 6.52 -9.37
C VAL B 537 -23.05 7.59 -10.34
N PHE B 538 -22.44 8.65 -9.82
CA PHE B 538 -21.85 9.72 -10.63
C PHE B 538 -20.37 9.79 -10.31
N ILE B 539 -19.54 9.68 -11.34
CA ILE B 539 -18.09 9.63 -11.18
C ILE B 539 -17.51 10.97 -11.60
N SER B 540 -16.80 11.62 -10.67
CA SER B 540 -16.13 12.94 -10.81
C SER B 540 -14.60 12.71 -10.78
N TYR B 541 -13.87 12.92 -11.89
CA TYR B 541 -12.44 12.67 -11.92
C TYR B 541 -11.75 13.82 -12.64
N ARG B 542 -10.43 13.73 -12.75
CA ARG B 542 -9.62 14.69 -13.47
C ARG B 542 -9.14 14.03 -14.75
N ARG B 543 -9.37 14.69 -15.89
CA ARG B 543 -9.17 14.05 -17.18
C ARG B 543 -7.73 13.64 -17.39
N ASN B 544 -6.79 14.52 -17.06
CA ASN B 544 -5.37 14.31 -17.33
C ASN B 544 -4.65 13.59 -16.21
N SER B 545 -5.37 12.84 -15.36
CA SER B 545 -4.74 12.18 -14.23
C SER B 545 -5.39 10.83 -13.93
N GLY B 546 -6.72 10.76 -13.96
CA GLY B 546 -7.41 9.55 -13.54
C GLY B 546 -8.50 9.09 -14.48
N SER B 547 -8.17 8.94 -15.76
CA SER B 547 -9.16 8.50 -16.74
C SER B 547 -9.30 6.99 -16.76
N GLN B 548 -8.21 6.26 -16.53
CA GLN B 548 -8.26 4.80 -16.59
C GLN B 548 -8.91 4.20 -15.35
N LEU B 549 -8.71 4.82 -14.18
CA LEU B 549 -9.37 4.33 -12.98
C LEU B 549 -10.89 4.55 -13.07
N ALA B 550 -11.31 5.72 -13.53
CA ALA B 550 -12.74 5.99 -13.62
C ALA B 550 -13.44 5.05 -14.59
N SER B 551 -12.75 4.64 -15.66
CA SER B 551 -13.34 3.73 -16.63
C SER B 551 -13.37 2.29 -16.12
N LEU B 552 -12.38 1.88 -15.32
CA LEU B 552 -12.44 0.58 -14.68
C LEU B 552 -13.54 0.52 -13.64
N LEU B 553 -13.69 1.60 -12.85
CA LEU B 553 -14.77 1.66 -11.88
C LEU B 553 -16.12 1.55 -12.55
N LYS B 554 -16.26 2.14 -13.74
CA LYS B 554 -17.54 2.06 -14.45
C LYS B 554 -17.89 0.62 -14.81
N VAL B 555 -16.91 -0.15 -15.28
CA VAL B 555 -17.21 -1.49 -15.81
C VAL B 555 -17.60 -2.43 -14.68
N HIS B 556 -16.83 -2.45 -13.58
CA HIS B 556 -17.16 -3.35 -12.49
C HIS B 556 -18.51 -3.04 -11.89
N LEU B 557 -18.82 -1.75 -11.69
CA LEU B 557 -20.12 -1.41 -11.12
C LEU B 557 -21.25 -1.83 -12.05
N GLN B 558 -21.07 -1.67 -13.36
CA GLN B 558 -22.13 -2.05 -14.30
C GLN B 558 -22.40 -3.54 -14.25
N LEU B 559 -21.35 -4.35 -14.16
CA LEU B 559 -21.54 -5.80 -14.06
C LEU B 559 -22.29 -6.20 -12.80
N HIS B 560 -22.39 -5.30 -11.81
CA HIS B 560 -23.05 -5.60 -10.55
C HIS B 560 -24.38 -4.87 -10.42
N GLY B 561 -24.97 -4.44 -11.54
CA GLY B 561 -26.32 -3.91 -11.53
C GLY B 561 -26.46 -2.45 -11.21
N PHE B 562 -25.40 -1.66 -11.36
CA PHE B 562 -25.45 -0.23 -11.12
C PHE B 562 -25.54 0.53 -12.43
N SER B 563 -26.22 1.68 -12.39
CA SER B 563 -26.28 2.60 -13.52
C SER B 563 -25.33 3.75 -13.23
N VAL B 564 -24.28 3.87 -14.04
CA VAL B 564 -23.18 4.80 -13.78
C VAL B 564 -23.22 5.90 -14.83
N PHE B 565 -22.74 7.07 -14.44
CA PHE B 565 -22.65 8.23 -15.32
C PHE B 565 -21.20 8.66 -15.45
N ILE B 566 -20.71 8.76 -16.70
CA ILE B 566 -19.42 9.34 -16.98
C ILE B 566 -19.58 10.26 -18.19
N ASP B 567 -18.69 11.25 -18.29
CA ASP B 567 -18.88 12.34 -19.25
C ASP B 567 -18.56 11.94 -20.68
N VAL B 568 -17.67 10.98 -20.89
CA VAL B 568 -17.25 10.59 -22.23
C VAL B 568 -18.21 9.55 -22.80
N GLU B 569 -19.39 9.41 -22.18
CA GLU B 569 -20.35 8.42 -22.63
C GLU B 569 -21.77 8.96 -22.57
N LYS B 570 -22.07 9.75 -21.54
CA LYS B 570 -23.43 10.22 -21.30
C LYS B 570 -23.65 11.67 -21.67
N LEU B 571 -22.61 12.48 -21.73
CA LEU B 571 -22.75 13.88 -22.14
C LEU B 571 -23.02 13.96 -23.63
N GLU B 572 -23.91 14.88 -24.02
CA GLU B 572 -24.40 14.90 -25.39
C GLU B 572 -24.47 16.34 -25.93
N ALA B 573 -25.48 16.64 -26.74
CA ALA B 573 -25.55 17.91 -27.45
C ALA B 573 -26.26 18.97 -26.62
N GLY B 574 -25.74 20.20 -26.67
CA GLY B 574 -26.28 21.33 -25.96
C GLY B 574 -25.18 22.04 -25.21
N LYS B 575 -25.57 22.79 -24.19
CA LYS B 575 -24.61 23.39 -23.27
C LYS B 575 -24.31 22.39 -22.16
N PHE B 576 -23.01 22.12 -21.96
CA PHE B 576 -22.59 21.06 -21.06
C PHE B 576 -22.65 21.45 -19.59
N GLU B 577 -22.94 22.71 -19.28
CA GLU B 577 -23.01 23.11 -17.87
C GLU B 577 -24.29 22.60 -17.21
N ASP B 578 -25.42 22.72 -17.89
CA ASP B 578 -26.70 22.35 -17.29
C ASP B 578 -26.88 20.84 -17.19
N LYS B 579 -26.01 20.04 -17.78
CA LYS B 579 -26.12 18.59 -17.69
C LYS B 579 -25.22 17.99 -16.61
N LEU B 580 -24.08 18.60 -16.34
CA LEU B 580 -23.22 18.11 -15.26
C LEU B 580 -23.81 18.41 -13.89
N ILE B 581 -24.31 19.63 -13.70
CA ILE B 581 -24.86 20.01 -12.40
C ILE B 581 -26.15 19.26 -12.13
N GLN B 582 -27.02 19.14 -13.13
CA GLN B 582 -28.30 18.47 -12.92
C GLN B 582 -28.14 16.96 -12.80
N SER B 583 -27.09 16.38 -13.41
CA SER B 583 -26.87 14.95 -13.31
C SER B 583 -26.28 14.56 -11.96
N VAL B 584 -25.44 15.41 -11.38
CA VAL B 584 -24.89 15.13 -10.06
C VAL B 584 -26.02 14.99 -9.05
N MET B 585 -26.97 15.93 -9.07
CA MET B 585 -28.01 15.97 -8.06
C MET B 585 -28.88 14.72 -8.11
N GLY B 586 -29.20 14.25 -9.31
CA GLY B 586 -30.11 13.13 -9.47
C GLY B 586 -29.54 11.77 -9.20
N ALA B 587 -28.23 11.67 -8.95
CA ALA B 587 -27.57 10.41 -8.67
C ALA B 587 -27.43 10.20 -7.17
N ARG B 588 -27.85 9.03 -6.69
CA ARG B 588 -27.85 8.77 -5.26
C ARG B 588 -26.45 8.89 -4.68
N ASN B 589 -25.45 8.27 -5.32
CA ASN B 589 -24.09 8.26 -4.84
C ASN B 589 -23.24 9.23 -5.65
N PHE B 590 -22.08 9.60 -5.09
CA PHE B 590 -21.16 10.51 -5.75
C PHE B 590 -19.72 10.03 -5.53
N VAL B 591 -19.24 9.19 -6.43
CA VAL B 591 -17.87 8.69 -6.36
C VAL B 591 -16.92 9.77 -6.86
N LEU B 592 -15.86 10.02 -6.09
CA LEU B 592 -14.82 10.98 -6.45
C LEU B 592 -13.51 10.22 -6.56
N VAL B 593 -12.95 10.16 -7.77
CA VAL B 593 -11.68 9.48 -7.99
C VAL B 593 -10.55 10.43 -7.58
N LEU B 594 -9.75 10.00 -6.62
CA LEU B 594 -8.64 10.78 -6.10
C LEU B 594 -7.34 10.19 -6.63
N SER B 595 -6.70 10.92 -7.53
CA SER B 595 -5.45 10.56 -8.16
C SER B 595 -4.44 11.68 -7.95
N PRO B 596 -3.16 11.40 -8.10
CA PRO B 596 -2.14 12.39 -7.72
C PRO B 596 -2.41 13.76 -8.32
N GLY B 597 -2.36 14.78 -7.48
CA GLY B 597 -2.57 16.14 -7.93
C GLY B 597 -3.93 16.38 -8.53
N ALA B 598 -4.97 15.78 -7.95
CA ALA B 598 -6.32 15.90 -8.50
C ALA B 598 -6.95 17.25 -8.19
N LEU B 599 -6.65 17.84 -7.04
CA LEU B 599 -7.29 19.08 -6.59
C LEU B 599 -6.34 20.28 -6.69
N ASP B 600 -5.35 20.21 -7.59
CA ASP B 600 -4.43 21.33 -7.74
C ASP B 600 -5.09 22.52 -8.43
N LYS B 601 -6.00 22.26 -9.37
CA LYS B 601 -6.66 23.37 -10.06
C LYS B 601 -7.70 24.03 -9.18
N CYS B 602 -8.31 23.28 -8.26
CA CYS B 602 -9.26 23.85 -7.31
C CYS B 602 -8.62 24.84 -6.36
N MET B 603 -7.29 24.87 -6.29
CA MET B 603 -6.60 25.79 -5.39
C MET B 603 -6.72 27.22 -5.91
N GLN B 604 -7.04 28.14 -5.01
CA GLN B 604 -7.19 29.56 -5.33
C GLN B 604 -8.31 29.82 -6.32
N ASP B 605 -9.17 28.83 -6.57
CA ASP B 605 -10.33 29.00 -7.46
C ASP B 605 -11.52 29.49 -6.66
N HIS B 606 -11.38 30.70 -6.10
CA HIS B 606 -12.44 31.25 -5.27
C HIS B 606 -13.70 31.53 -6.10
N ASP B 607 -13.52 32.01 -7.33
CA ASP B 607 -14.66 32.31 -8.19
C ASP B 607 -15.48 31.06 -8.51
N CYS B 608 -14.90 29.87 -8.35
CA CYS B 608 -15.57 28.61 -8.65
C CYS B 608 -15.67 28.40 -10.16
N LYS B 609 -14.52 28.44 -10.84
CA LYS B 609 -14.45 28.19 -12.28
C LYS B 609 -14.09 26.76 -12.62
N ASP B 610 -13.18 26.15 -11.86
CA ASP B 610 -12.74 24.80 -12.17
C ASP B 610 -13.92 23.84 -12.07
N TRP B 611 -13.92 22.82 -12.94
CA TRP B 611 -15.06 21.92 -13.04
C TRP B 611 -15.01 20.77 -12.04
N VAL B 612 -13.89 20.58 -11.35
CA VAL B 612 -13.89 19.69 -10.19
C VAL B 612 -14.34 20.45 -8.95
N HIS B 613 -14.01 21.74 -8.87
CA HIS B 613 -14.54 22.57 -7.79
C HIS B 613 -16.07 22.62 -7.86
N LYS B 614 -16.63 22.81 -9.05
CA LYS B 614 -18.07 22.90 -9.19
C LYS B 614 -18.77 21.62 -8.75
N GLU B 615 -18.23 20.47 -9.16
CA GLU B 615 -18.95 19.21 -8.95
C GLU B 615 -19.04 18.86 -7.47
N ILE B 616 -17.95 19.07 -6.72
CA ILE B 616 -17.98 18.72 -5.29
C ILE B 616 -18.95 19.61 -4.54
N VAL B 617 -19.01 20.89 -4.93
CA VAL B 617 -19.90 21.82 -4.25
C VAL B 617 -21.35 21.37 -4.38
N THR B 618 -21.74 20.97 -5.58
CA THR B 618 -23.12 20.52 -5.80
C THR B 618 -23.43 19.27 -4.97
N ALA B 619 -22.46 18.36 -4.87
CA ALA B 619 -22.69 17.13 -4.10
C ALA B 619 -22.87 17.42 -2.62
N LEU B 620 -22.04 18.30 -2.05
CA LEU B 620 -22.16 18.63 -0.64
C LEU B 620 -23.48 19.31 -0.34
N SER B 621 -23.80 20.37 -1.08
CA SER B 621 -25.01 21.14 -0.80
C SER B 621 -26.25 20.28 -0.92
N CYS B 622 -26.33 19.46 -1.96
CA CYS B 622 -27.44 18.53 -2.09
C CYS B 622 -27.37 17.37 -1.10
N GLY B 623 -26.21 17.16 -0.47
CA GLY B 623 -26.07 16.11 0.52
C GLY B 623 -26.14 14.71 -0.05
N LYS B 624 -25.15 14.35 -0.86
CA LYS B 624 -25.06 13.01 -1.44
C LYS B 624 -24.05 12.17 -0.67
N ASN B 625 -23.99 10.88 -1.01
CA ASN B 625 -23.09 9.94 -0.36
C ASN B 625 -21.77 9.96 -1.11
N ILE B 626 -20.84 10.78 -0.64
CA ILE B 626 -19.54 10.91 -1.29
C ILE B 626 -18.66 9.74 -0.87
N VAL B 627 -18.11 9.04 -1.86
CA VAL B 627 -17.28 7.86 -1.63
C VAL B 627 -15.94 8.08 -2.31
N PRO B 628 -15.02 8.85 -1.73
CA PRO B 628 -13.74 9.10 -2.38
C PRO B 628 -12.91 7.82 -2.49
N ILE B 629 -12.40 7.56 -3.69
CA ILE B 629 -11.51 6.43 -3.95
C ILE B 629 -10.10 6.98 -4.04
N ILE B 630 -9.21 6.50 -3.18
CA ILE B 630 -7.84 7.01 -3.12
C ILE B 630 -6.96 6.14 -4.00
N ASP B 631 -6.19 6.79 -4.88
CA ASP B 631 -5.25 6.11 -5.76
C ASP B 631 -4.03 7.01 -5.89
N GLY B 632 -3.10 6.88 -4.94
CA GLY B 632 -1.90 7.68 -4.97
C GLY B 632 -2.10 9.13 -4.59
N PHE B 633 -3.17 9.45 -3.86
CA PHE B 633 -3.44 10.82 -3.45
C PHE B 633 -2.74 11.10 -2.13
N GLU B 634 -2.10 12.26 -2.03
CA GLU B 634 -1.42 12.70 -0.82
C GLU B 634 -2.17 13.90 -0.27
N TRP B 635 -2.83 13.71 0.88
CA TRP B 635 -3.79 14.69 1.34
C TRP B 635 -3.08 15.97 1.76
N PRO B 636 -3.67 17.15 1.47
CA PRO B 636 -3.12 18.40 2.00
C PRO B 636 -3.80 18.80 3.31
N GLU B 637 -3.60 20.06 3.73
CA GLU B 637 -4.32 20.57 4.88
C GLU B 637 -5.45 21.50 4.46
N PRO B 638 -6.53 21.59 5.24
CA PRO B 638 -7.75 22.23 4.72
C PRO B 638 -7.58 23.68 4.29
N GLN B 639 -6.62 24.41 4.87
CA GLN B 639 -6.48 25.82 4.52
C GLN B 639 -5.92 26.03 3.12
N VAL B 640 -5.47 24.98 2.43
CA VAL B 640 -4.96 25.14 1.09
C VAL B 640 -6.07 25.21 0.04
N LEU B 641 -7.22 24.63 0.31
CA LEU B 641 -8.31 24.53 -0.64
C LEU B 641 -9.35 25.61 -0.39
N PRO B 642 -10.31 25.78 -1.29
CA PRO B 642 -11.36 26.78 -1.08
C PRO B 642 -12.26 26.43 0.09
N GLU B 643 -12.96 27.46 0.58
CA GLU B 643 -13.83 27.29 1.74
C GLU B 643 -15.10 26.51 1.41
N ASP B 644 -15.57 26.56 0.17
CA ASP B 644 -16.82 25.91 -0.19
C ASP B 644 -16.70 24.39 -0.23
N MET B 645 -15.53 23.90 -0.69
CA MET B 645 -15.26 22.45 -0.92
C MET B 645 -14.33 21.93 0.18
N GLN B 646 -14.67 22.12 1.46
CA GLN B 646 -13.86 21.58 2.55
C GLN B 646 -14.39 20.24 3.06
N ALA B 647 -15.71 20.05 3.09
CA ALA B 647 -16.29 18.88 3.74
C ALA B 647 -15.96 17.58 3.04
N VAL B 648 -15.40 17.63 1.83
CA VAL B 648 -15.01 16.40 1.15
C VAL B 648 -13.87 15.71 1.91
N LEU B 649 -12.97 16.49 2.51
CA LEU B 649 -11.85 15.91 3.24
C LEU B 649 -12.29 15.13 4.47
N THR B 650 -13.54 15.26 4.90
CA THR B 650 -14.03 14.61 6.11
C THR B 650 -14.84 13.36 5.81
N PHE B 651 -14.67 12.75 4.65
CA PHE B 651 -15.40 11.56 4.27
C PHE B 651 -14.48 10.34 4.30
N ASN B 652 -15.07 9.19 4.63
CA ASN B 652 -14.33 7.94 4.74
C ASN B 652 -14.11 7.37 3.35
N GLY B 653 -12.86 7.38 2.88
CA GLY B 653 -12.52 6.90 1.56
C GLY B 653 -12.23 5.41 1.53
N ILE B 654 -12.00 4.91 0.31
CA ILE B 654 -11.68 3.51 0.07
C ILE B 654 -10.35 3.44 -0.65
N LYS B 655 -9.42 2.66 -0.10
CA LYS B 655 -8.12 2.47 -0.72
C LYS B 655 -8.25 1.54 -1.92
N TRP B 656 -7.68 1.96 -3.06
CA TRP B 656 -7.62 1.11 -4.23
C TRP B 656 -6.31 0.35 -4.22
N SER B 657 -6.39 -0.97 -4.26
CA SER B 657 -5.23 -1.85 -4.20
C SER B 657 -5.24 -2.77 -5.41
N HIS B 658 -4.13 -2.80 -6.14
CA HIS B 658 -4.01 -3.67 -7.30
C HIS B 658 -3.74 -5.12 -6.91
N GLU B 659 -3.28 -5.38 -5.69
CA GLU B 659 -2.98 -6.75 -5.27
C GLU B 659 -4.25 -7.54 -4.98
N TYR B 660 -5.23 -6.92 -4.32
CA TYR B 660 -6.50 -7.55 -3.97
C TYR B 660 -7.60 -6.63 -4.49
N GLN B 661 -8.00 -6.86 -5.75
CA GLN B 661 -9.01 -6.01 -6.37
C GLN B 661 -10.42 -6.49 -6.07
N GLU B 662 -10.66 -7.80 -6.12
CA GLU B 662 -11.98 -8.30 -5.79
C GLU B 662 -12.37 -7.94 -4.36
N ALA B 663 -11.38 -7.76 -3.49
CA ALA B 663 -11.65 -7.29 -2.14
C ALA B 663 -11.91 -5.79 -2.12
N THR B 664 -11.20 -5.02 -2.95
CA THR B 664 -11.44 -3.59 -3.06
C THR B 664 -12.80 -3.31 -3.71
N ILE B 665 -13.15 -4.08 -4.74
CA ILE B 665 -14.41 -3.87 -5.42
C ILE B 665 -15.58 -4.28 -4.53
N GLU B 666 -15.42 -5.40 -3.81
CA GLU B 666 -16.51 -5.85 -2.95
C GLU B 666 -16.72 -4.88 -1.79
N LYS B 667 -15.68 -4.12 -1.42
CA LYS B 667 -15.83 -3.10 -0.40
C LYS B 667 -16.56 -1.87 -0.93
N ILE B 668 -16.23 -1.43 -2.15
CA ILE B 668 -16.90 -0.26 -2.71
C ILE B 668 -18.40 -0.50 -2.82
N ILE B 669 -18.78 -1.68 -3.32
CA ILE B 669 -20.19 -2.00 -3.42
C ILE B 669 -20.84 -1.96 -2.04
N ARG B 670 -20.07 -2.24 -0.98
CA ARG B 670 -20.61 -2.19 0.37
C ARG B 670 -21.04 -0.76 0.74
N PHE B 671 -20.21 0.22 0.38
CA PHE B 671 -20.52 1.61 0.72
C PHE B 671 -21.74 2.12 -0.06
N LEU B 672 -21.82 1.79 -1.34
CA LEU B 672 -22.85 2.39 -2.19
C LEU B 672 -24.24 1.96 -1.75
N GLN B 673 -25.20 2.88 -1.92
CA GLN B 673 -26.59 2.64 -1.56
C GLN B 673 -27.41 2.22 -2.77
N THR C 534 -8.85 -5.43 52.98
CA THR C 534 -7.51 -4.79 53.22
C THR C 534 -6.51 -5.85 53.71
N PRO C 535 -5.18 -5.75 53.43
CA PRO C 535 -4.23 -6.81 53.81
C PRO C 535 -3.78 -6.78 55.28
N ASP C 536 -3.13 -7.83 55.76
CA ASP C 536 -2.56 -7.89 57.15
C ASP C 536 -1.15 -7.31 57.11
N VAL C 537 -0.49 -7.26 55.94
CA VAL C 537 0.89 -6.70 55.78
C VAL C 537 1.03 -6.01 54.40
N PHE C 538 1.77 -4.91 54.30
CA PHE C 538 2.01 -4.15 53.08
C PHE C 538 3.50 -4.14 52.79
N ILE C 539 3.87 -4.49 51.57
CA ILE C 539 5.26 -4.56 51.17
C ILE C 539 5.55 -3.37 50.25
N SER C 540 6.48 -2.52 50.67
CA SER C 540 6.99 -1.42 49.87
C SER C 540 8.46 -1.69 49.58
N TYR C 541 8.87 -1.48 48.33
CA TYR C 541 10.21 -1.85 47.92
C TYR C 541 10.63 -1.00 46.72
N ARG C 542 11.82 -1.26 46.21
CA ARG C 542 12.36 -0.60 45.03
C ARG C 542 12.52 -1.66 43.95
N ARG C 543 11.80 -1.47 42.84
CA ARG C 543 11.71 -2.52 41.83
C ARG C 543 13.07 -2.84 41.22
N ASN C 544 14.01 -1.91 41.22
CA ASN C 544 15.33 -2.13 40.67
C ASN C 544 16.28 -2.77 41.67
N SER C 545 15.78 -3.27 42.79
CA SER C 545 16.64 -3.86 43.81
C SER C 545 15.91 -4.89 44.67
N GLY C 546 14.83 -4.46 45.31
CA GLY C 546 14.14 -5.29 46.28
C GLY C 546 13.10 -6.22 45.73
N SER C 547 13.00 -6.37 44.41
CA SER C 547 11.96 -7.21 43.84
C SER C 547 12.15 -8.68 44.22
N GLN C 548 13.38 -9.18 44.12
CA GLN C 548 13.65 -10.57 44.46
C GLN C 548 13.44 -10.82 45.96
N LEU C 549 13.90 -9.89 46.80
CA LEU C 549 13.65 -10.01 48.23
C LEU C 549 12.16 -9.87 48.53
N ALA C 550 11.50 -8.85 47.98
CA ALA C 550 10.09 -8.65 48.24
C ALA C 550 9.27 -9.86 47.80
N SER C 551 9.73 -10.59 46.80
CA SER C 551 9.06 -11.82 46.39
C SER C 551 9.34 -12.97 47.34
N LEU C 552 10.49 -12.95 48.02
CA LEU C 552 10.76 -13.95 49.03
C LEU C 552 10.04 -13.65 50.33
N LEU C 553 9.85 -12.37 50.66
CA LEU C 553 9.08 -12.01 51.85
C LEU C 553 7.63 -12.46 51.72
N LYS C 554 7.02 -12.23 50.56
CA LYS C 554 5.61 -12.57 50.39
C LYS C 554 5.38 -14.07 50.51
N VAL C 555 6.23 -14.88 49.88
CA VAL C 555 6.02 -16.31 49.87
C VAL C 555 6.28 -16.95 51.22
N HIS C 556 6.86 -16.20 52.16
CA HIS C 556 7.07 -16.68 53.52
C HIS C 556 6.04 -16.14 54.50
N LEU C 557 5.63 -14.89 54.35
CA LEU C 557 4.52 -14.37 55.16
C LEU C 557 3.22 -15.07 54.80
N GLN C 558 3.04 -15.41 53.51
CA GLN C 558 1.83 -16.10 53.09
C GLN C 558 1.68 -17.44 53.79
N LEU C 559 2.77 -18.20 53.86
CA LEU C 559 2.73 -19.54 54.45
C LEU C 559 2.45 -19.52 55.95
N HIS C 560 2.58 -18.37 56.60
CA HIS C 560 2.30 -18.23 58.02
C HIS C 560 0.91 -17.68 58.28
N GLY C 561 0.04 -17.67 57.26
CA GLY C 561 -1.33 -17.22 57.41
C GLY C 561 -1.55 -15.76 57.12
N PHE C 562 -0.49 -14.95 57.09
CA PHE C 562 -0.63 -13.53 56.84
C PHE C 562 -1.16 -13.27 55.45
N SER C 563 -1.92 -12.19 55.31
CA SER C 563 -2.41 -11.73 54.02
C SER C 563 -1.62 -10.48 53.61
N VAL C 564 -1.08 -10.52 52.40
CA VAL C 564 -0.04 -9.58 51.97
C VAL C 564 -0.52 -8.85 50.72
N PHE C 565 0.03 -7.66 50.52
CA PHE C 565 -0.24 -6.85 49.34
C PHE C 565 1.08 -6.54 48.65
N ILE C 566 1.25 -7.10 47.45
CA ILE C 566 2.34 -6.72 46.55
C ILE C 566 1.69 -6.19 45.29
N ASP C 567 2.34 -5.23 44.64
CA ASP C 567 1.70 -4.52 43.54
C ASP C 567 1.67 -5.35 42.28
N VAL C 568 2.69 -6.19 42.06
CA VAL C 568 2.81 -6.92 40.81
C VAL C 568 1.72 -7.95 40.61
N GLU C 569 0.94 -8.27 41.65
CA GLU C 569 -0.01 -9.37 41.59
C GLU C 569 -1.42 -9.02 42.09
N LYS C 570 -1.59 -7.96 42.86
CA LYS C 570 -2.90 -7.60 43.39
C LYS C 570 -3.43 -6.27 42.89
N LEU C 571 -2.59 -5.46 42.23
CA LEU C 571 -3.04 -4.22 41.61
C LEU C 571 -3.75 -4.54 40.29
N GLU C 572 -4.89 -3.90 40.06
CA GLU C 572 -5.74 -4.33 38.95
C GLU C 572 -6.39 -3.16 38.19
N ALA C 573 -7.66 -3.32 37.79
CA ALA C 573 -8.29 -2.39 36.87
C ALA C 573 -8.74 -1.11 37.56
N GLY C 574 -8.45 0.02 36.93
CA GLY C 574 -8.79 1.33 37.43
C GLY C 574 -7.56 2.17 37.66
N LYS C 575 -7.74 3.25 38.42
CA LYS C 575 -6.62 4.09 38.81
C LYS C 575 -5.88 3.44 39.97
N PHE C 576 -4.55 3.50 39.92
CA PHE C 576 -3.73 2.77 40.88
C PHE C 576 -3.30 3.63 42.07
N GLU C 577 -3.14 4.93 41.89
CA GLU C 577 -2.65 5.75 43.00
C GLU C 577 -3.60 5.69 44.18
N ASP C 578 -4.91 5.77 43.92
CA ASP C 578 -5.87 5.71 45.02
C ASP C 578 -5.84 4.35 45.72
N LYS C 579 -5.47 3.29 45.00
CA LYS C 579 -5.53 1.96 45.58
C LYS C 579 -4.31 1.62 46.43
N LEU C 580 -3.16 2.24 46.15
CA LEU C 580 -1.95 1.92 46.89
C LEU C 580 -1.68 2.89 48.04
N ILE C 581 -2.18 4.12 47.95
CA ILE C 581 -2.09 5.03 49.09
C ILE C 581 -3.23 4.76 50.06
N GLN C 582 -4.22 3.97 49.65
CA GLN C 582 -5.27 3.54 50.57
C GLN C 582 -4.98 2.16 51.12
N SER C 583 -4.22 1.33 50.39
CA SER C 583 -3.85 0.02 50.91
C SER C 583 -2.86 0.15 52.07
N VAL C 584 -1.94 1.11 51.98
CA VAL C 584 -1.09 1.40 53.11
C VAL C 584 -1.93 1.72 54.34
N MET C 585 -2.97 2.54 54.16
CA MET C 585 -3.85 2.88 55.26
C MET C 585 -4.52 1.63 55.83
N GLY C 586 -5.12 0.82 54.95
CA GLY C 586 -5.83 -0.36 55.41
C GLY C 586 -4.93 -1.46 55.92
N ALA C 587 -3.67 -1.48 55.50
CA ALA C 587 -2.76 -2.51 55.96
C ALA C 587 -2.55 -2.40 57.46
N ARG C 588 -2.46 -3.56 58.14
CA ARG C 588 -2.34 -3.65 59.63
C ARG C 588 -0.85 -3.51 60.01
N ASN C 589 0.04 -4.00 59.12
CA ASN C 589 1.53 -3.92 59.24
C ASN C 589 2.11 -3.21 58.00
N PHE C 590 3.36 -2.75 58.07
CA PHE C 590 4.05 -2.06 56.99
C PHE C 590 5.49 -2.54 56.93
N VAL C 591 5.90 -3.02 55.76
CA VAL C 591 7.26 -3.51 55.53
C VAL C 591 7.93 -2.56 54.53
N LEU C 592 9.16 -2.17 54.85
CA LEU C 592 9.99 -1.34 53.97
C LEU C 592 11.30 -2.09 53.71
N VAL C 593 11.45 -2.61 52.50
CA VAL C 593 12.65 -3.35 52.13
C VAL C 593 13.75 -2.33 51.82
N LEU C 594 14.74 -2.26 52.70
CA LEU C 594 15.87 -1.34 52.54
C LEU C 594 17.00 -2.09 51.85
N SER C 595 17.17 -1.84 50.56
CA SER C 595 18.17 -2.49 49.71
C SER C 595 18.98 -1.41 49.02
N PRO C 596 20.16 -1.77 48.48
CA PRO C 596 21.05 -0.74 47.94
C PRO C 596 20.37 0.24 47.00
N GLY C 597 20.46 1.53 47.31
CA GLY C 597 19.82 2.56 46.52
C GLY C 597 18.34 2.73 46.76
N ALA C 598 17.80 2.17 47.85
CA ALA C 598 16.36 2.23 48.07
C ALA C 598 15.88 3.67 48.19
N LEU C 599 16.52 4.45 49.05
CA LEU C 599 16.07 5.81 49.37
C LEU C 599 16.82 6.88 48.59
N ASP C 600 17.58 6.50 47.56
CA ASP C 600 18.27 7.50 46.75
C ASP C 600 17.28 8.42 46.06
N LYS C 601 16.20 7.87 45.50
CA LYS C 601 15.24 8.67 44.75
C LYS C 601 14.34 9.50 45.64
N CYS C 602 14.18 9.13 46.91
CA CYS C 602 13.43 9.97 47.84
C CYS C 602 14.17 11.27 48.16
N MET C 603 15.45 11.37 47.79
CA MET C 603 16.22 12.57 48.09
C MET C 603 15.60 13.78 47.41
N GLN C 604 15.39 14.84 48.17
CA GLN C 604 14.87 16.11 47.65
C GLN C 604 13.59 15.89 46.85
N ASP C 605 12.72 15.03 47.36
CA ASP C 605 11.41 14.79 46.75
C ASP C 605 10.36 15.64 47.47
N HIS C 606 10.51 16.95 47.30
CA HIS C 606 9.63 17.89 47.99
C HIS C 606 8.17 17.66 47.62
N ASP C 607 7.90 17.44 46.33
CA ASP C 607 6.53 17.19 45.88
C ASP C 607 5.99 15.86 46.38
N CYS C 608 6.82 14.98 46.93
CA CYS C 608 6.39 13.68 47.43
C CYS C 608 5.83 12.81 46.31
N LYS C 609 6.36 12.96 45.10
CA LYS C 609 5.87 12.16 43.98
C LYS C 609 6.36 10.73 44.06
N ASP C 610 7.61 10.52 44.46
CA ASP C 610 8.20 9.19 44.44
C ASP C 610 7.41 8.26 45.35
N TRP C 611 7.07 7.08 44.83
CA TRP C 611 6.15 6.18 45.53
C TRP C 611 6.76 5.62 46.80
N VAL C 612 8.07 5.39 46.82
CA VAL C 612 8.71 4.98 48.06
C VAL C 612 8.55 6.07 49.12
N HIS C 613 8.70 7.32 48.72
CA HIS C 613 8.47 8.44 49.63
C HIS C 613 7.02 8.49 50.08
N LYS C 614 6.09 8.36 49.14
CA LYS C 614 4.63 8.59 49.34
C LYS C 614 4.10 7.48 50.24
N GLU C 615 4.61 6.25 50.12
CA GLU C 615 4.09 5.12 50.88
C GLU C 615 4.51 5.19 52.35
N ILE C 616 5.65 5.81 52.65
CA ILE C 616 6.07 5.95 54.04
C ILE C 616 5.15 6.90 54.78
N VAL C 617 4.86 8.05 54.18
CA VAL C 617 4.12 9.09 54.89
C VAL C 617 2.75 8.58 55.32
N THR C 618 2.06 7.89 54.41
CA THR C 618 0.76 7.31 54.75
C THR C 618 0.90 6.28 55.87
N ALA C 619 2.04 5.61 55.97
CA ALA C 619 2.25 4.64 57.03
C ALA C 619 2.49 5.32 58.36
N LEU C 620 3.27 6.41 58.36
CA LEU C 620 3.52 7.15 59.60
C LEU C 620 2.24 7.81 60.11
N SER C 621 1.45 8.39 59.21
CA SER C 621 0.28 9.16 59.65
C SER C 621 -0.72 8.27 60.38
N CYS C 622 -1.00 7.09 59.85
CA CYS C 622 -1.98 6.19 60.45
C CYS C 622 -1.42 5.40 61.62
N GLY C 623 -0.25 5.77 62.13
CA GLY C 623 0.32 5.07 63.27
C GLY C 623 0.59 3.61 63.00
N LYS C 624 1.14 3.30 61.83
CA LYS C 624 1.36 1.91 61.46
C LYS C 624 2.70 1.42 62.01
N ASN C 625 2.84 0.09 62.02
CA ASN C 625 4.06 -0.55 62.50
C ASN C 625 5.00 -0.71 61.31
N ILE C 626 6.12 0.00 61.34
CA ILE C 626 7.14 -0.07 60.30
C ILE C 626 8.22 -1.04 60.76
N VAL C 627 8.54 -2.01 59.90
CA VAL C 627 9.52 -3.05 60.22
C VAL C 627 10.54 -3.10 59.08
N PRO C 628 11.53 -2.22 59.07
CA PRO C 628 12.49 -2.21 57.96
C PRO C 628 13.26 -3.52 57.86
N ILE C 629 13.55 -3.93 56.62
CA ILE C 629 14.42 -5.06 56.34
C ILE C 629 15.67 -4.50 55.66
N ILE C 630 16.84 -4.82 56.20
CA ILE C 630 18.11 -4.31 55.69
C ILE C 630 18.84 -5.43 54.97
N ASP C 631 19.24 -5.18 53.74
CA ASP C 631 20.02 -6.12 52.94
C ASP C 631 21.12 -5.30 52.23
N GLY C 632 22.27 -5.16 52.87
CA GLY C 632 23.34 -4.38 52.29
C GLY C 632 22.98 -2.92 52.15
N PHE C 633 22.41 -2.33 53.20
CA PHE C 633 22.04 -0.92 53.21
C PHE C 633 22.71 -0.23 54.39
N GLU C 634 23.33 0.92 54.13
CA GLU C 634 24.02 1.71 55.14
C GLU C 634 23.31 3.04 55.30
N TRP C 635 22.73 3.27 56.47
CA TRP C 635 21.87 4.43 56.67
C TRP C 635 22.70 5.71 56.64
N PRO C 636 22.14 6.81 56.10
CA PRO C 636 22.86 8.09 56.09
C PRO C 636 22.38 9.04 57.17
N GLU C 637 22.96 10.24 57.21
CA GLU C 637 22.44 11.30 58.07
C GLU C 637 21.12 11.82 57.52
N PRO C 638 20.07 12.03 58.35
CA PRO C 638 18.76 12.44 57.82
C PRO C 638 18.57 13.97 57.67
N GLN C 639 19.62 14.78 57.85
CA GLN C 639 19.46 16.22 57.65
C GLN C 639 18.97 16.52 56.23
N VAL C 640 19.55 15.85 55.23
CA VAL C 640 19.17 16.10 53.85
C VAL C 640 17.75 15.60 53.57
N LEU C 641 17.38 14.47 54.15
CA LEU C 641 16.08 13.90 53.90
C LEU C 641 14.98 14.85 54.39
N PRO C 642 13.81 14.85 53.74
CA PRO C 642 12.71 15.69 54.23
C PRO C 642 12.35 15.34 55.66
N GLU C 643 11.99 16.36 56.43
CA GLU C 643 11.69 16.17 57.85
C GLU C 643 10.49 15.27 58.08
N ASP C 644 9.67 15.02 57.06
CA ASP C 644 8.51 14.16 57.21
C ASP C 644 8.85 12.68 57.03
N MET C 645 10.09 12.35 56.67
CA MET C 645 10.52 10.97 56.50
C MET C 645 11.52 10.52 57.56
N GLN C 646 12.09 11.43 58.34
CA GLN C 646 13.17 11.06 59.24
C GLN C 646 12.75 9.99 60.25
N ALA C 647 11.45 9.84 60.51
CA ALA C 647 11.01 8.93 61.55
C ALA C 647 11.38 7.48 61.26
N VAL C 648 11.64 7.12 60.01
CA VAL C 648 11.85 5.71 59.66
C VAL C 648 13.12 5.18 60.33
N LEU C 649 14.21 5.93 60.26
CA LEU C 649 15.49 5.42 60.73
C LEU C 649 15.45 5.09 62.22
N THR C 650 14.59 5.76 62.97
CA THR C 650 14.52 5.52 64.41
C THR C 650 13.85 4.20 64.76
N PHE C 651 13.20 3.55 63.79
CA PHE C 651 12.58 2.25 64.05
C PHE C 651 13.65 1.17 64.14
N ASN C 652 13.33 0.10 64.87
CA ASN C 652 14.28 -1.01 65.03
C ASN C 652 14.36 -1.79 63.73
N GLY C 653 15.56 -1.82 63.13
CA GLY C 653 15.73 -2.50 61.87
C GLY C 653 15.96 -3.99 62.03
N ILE C 654 15.76 -4.71 60.93
CA ILE C 654 16.02 -6.14 60.85
C ILE C 654 16.97 -6.39 59.70
N LYS C 655 18.04 -7.15 59.97
CA LYS C 655 19.02 -7.49 58.96
C LYS C 655 18.70 -8.86 58.37
N TRP C 656 18.74 -8.96 57.05
CA TRP C 656 18.48 -10.21 56.35
C TRP C 656 19.79 -10.97 56.20
N SER C 657 19.81 -12.23 56.66
CA SER C 657 20.99 -13.07 56.61
C SER C 657 20.70 -14.27 55.73
N HIS C 658 21.48 -14.43 54.66
CA HIS C 658 21.32 -15.59 53.80
C HIS C 658 21.62 -16.89 54.53
N GLU C 659 22.68 -16.89 55.34
CA GLU C 659 23.08 -18.12 56.02
C GLU C 659 22.02 -18.60 57.00
N TYR C 660 21.44 -17.68 57.77
CA TYR C 660 20.44 -18.00 58.79
C TYR C 660 19.13 -17.30 58.42
N GLN C 661 18.46 -17.82 57.38
CA GLN C 661 17.20 -17.23 56.95
C GLN C 661 16.10 -17.45 57.97
N GLU C 662 16.01 -18.65 58.53
CA GLU C 662 14.92 -18.93 59.47
C GLU C 662 14.99 -18.03 60.69
N ALA C 663 16.20 -17.75 61.18
CA ALA C 663 16.33 -16.84 62.32
C ALA C 663 15.80 -15.46 62.00
N THR C 664 16.09 -14.94 60.81
CA THR C 664 15.57 -13.64 60.41
C THR C 664 14.10 -13.72 60.01
N ILE C 665 13.68 -14.81 59.37
CA ILE C 665 12.26 -14.99 59.08
C ILE C 665 11.46 -15.04 60.38
N GLU C 666 11.93 -15.80 61.37
CA GLU C 666 11.16 -15.96 62.59
C GLU C 666 11.11 -14.64 63.37
N LYS C 667 12.20 -13.86 63.35
CA LYS C 667 12.20 -12.58 64.03
C LYS C 667 11.22 -11.61 63.39
N ILE C 668 11.10 -11.65 62.06
CA ILE C 668 10.19 -10.74 61.37
C ILE C 668 8.76 -10.96 61.84
N ILE C 669 8.36 -12.22 61.99
CA ILE C 669 6.98 -12.50 62.42
C ILE C 669 6.77 -12.02 63.86
N ARG C 670 7.76 -12.23 64.74
CA ARG C 670 7.66 -11.71 66.09
C ARG C 670 7.52 -10.19 66.10
N PHE C 671 7.93 -9.52 65.03
CA PHE C 671 7.74 -8.09 64.90
C PHE C 671 6.41 -7.72 64.26
N LEU C 672 5.82 -8.62 63.47
CA LEU C 672 4.53 -8.36 62.85
C LEU C 672 3.46 -8.50 63.92
N GLN C 673 3.02 -7.38 64.47
CA GLN C 673 2.00 -7.36 65.50
C GLN C 673 0.86 -6.42 65.13
N THR D 534 3.92 -34.87 12.43
CA THR D 534 4.60 -33.58 12.16
C THR D 534 3.59 -32.51 11.79
N PRO D 535 3.97 -31.23 11.91
CA PRO D 535 3.02 -30.15 11.64
C PRO D 535 2.72 -29.97 10.16
N ASP D 536 2.19 -28.81 9.80
CA ASP D 536 1.98 -28.41 8.42
C ASP D 536 2.82 -27.21 8.02
N VAL D 537 3.04 -26.27 8.95
CA VAL D 537 3.70 -25.01 8.66
C VAL D 537 4.80 -24.80 9.69
N PHE D 538 5.92 -24.24 9.25
CA PHE D 538 6.98 -23.76 10.11
C PHE D 538 7.15 -22.28 9.88
N ILE D 539 7.09 -21.48 10.95
CA ILE D 539 7.12 -20.02 10.85
C ILE D 539 8.48 -19.55 11.34
N SER D 540 9.19 -18.82 10.45
CA SER D 540 10.50 -18.15 10.69
C SER D 540 10.25 -16.64 10.79
N TYR D 541 10.88 -15.90 11.70
CA TYR D 541 10.79 -14.45 11.73
C TYR D 541 12.01 -13.89 12.45
N ARG D 542 12.03 -12.58 12.61
CA ARG D 542 13.04 -11.87 13.38
C ARG D 542 12.38 -11.36 14.65
N ARG D 543 12.84 -11.85 15.80
CA ARG D 543 12.15 -11.57 17.05
C ARG D 543 12.08 -10.08 17.36
N ASN D 544 12.97 -9.28 16.79
CA ASN D 544 13.02 -7.85 17.10
C ASN D 544 11.94 -7.07 16.35
N SER D 545 11.36 -7.62 15.29
CA SER D 545 10.39 -6.86 14.49
C SER D 545 9.24 -7.67 13.92
N GLY D 546 9.33 -9.00 13.81
CA GLY D 546 8.28 -9.81 13.25
C GLY D 546 7.45 -10.59 14.25
N SER D 547 7.56 -10.26 15.54
CA SER D 547 6.91 -11.06 16.57
C SER D 547 5.39 -10.88 16.53
N GLN D 548 4.92 -9.68 16.21
CA GLN D 548 3.48 -9.45 16.15
C GLN D 548 2.87 -10.06 14.89
N LEU D 549 3.56 -9.94 13.76
CA LEU D 549 3.07 -10.55 12.54
C LEU D 549 3.28 -12.05 12.52
N ALA D 550 4.19 -12.58 13.32
CA ALA D 550 4.34 -14.03 13.43
C ALA D 550 3.26 -14.66 14.29
N SER D 551 2.76 -13.94 15.30
CA SER D 551 1.70 -14.44 16.15
C SER D 551 0.32 -14.21 15.56
N LEU D 552 0.16 -13.13 14.81
CA LEU D 552 -1.10 -12.91 14.12
C LEU D 552 -1.34 -13.98 13.07
N LEU D 553 -0.29 -14.39 12.36
CA LEU D 553 -0.42 -15.39 11.31
C LEU D 553 -0.44 -16.80 11.86
N LYS D 554 -0.03 -17.02 13.11
CA LYS D 554 -0.16 -18.34 13.70
C LYS D 554 -1.61 -18.65 14.05
N VAL D 555 -2.31 -17.71 14.66
CA VAL D 555 -3.68 -17.97 15.11
C VAL D 555 -4.62 -18.12 13.93
N HIS D 556 -4.46 -17.29 12.90
CA HIS D 556 -5.31 -17.41 11.72
C HIS D 556 -5.11 -18.75 11.04
N LEU D 557 -3.86 -19.20 10.90
CA LEU D 557 -3.62 -20.47 10.22
C LEU D 557 -4.09 -21.65 11.05
N GLN D 558 -4.07 -21.53 12.39
CA GLN D 558 -4.56 -22.61 13.24
C GLN D 558 -6.07 -22.78 13.10
N LEU D 559 -6.80 -21.66 12.98
CA LEU D 559 -8.25 -21.73 12.87
C LEU D 559 -8.70 -22.42 11.59
N HIS D 560 -7.81 -22.60 10.63
CA HIS D 560 -8.14 -23.24 9.36
C HIS D 560 -7.76 -24.73 9.34
N GLY D 561 -7.39 -25.29 10.47
CA GLY D 561 -7.07 -26.70 10.54
C GLY D 561 -5.62 -27.06 10.26
N PHE D 562 -4.71 -26.10 10.39
CA PHE D 562 -3.29 -26.35 10.14
C PHE D 562 -2.53 -26.47 11.46
N SER D 563 -1.36 -27.10 11.39
CA SER D 563 -0.47 -27.25 12.52
C SER D 563 0.75 -26.39 12.30
N VAL D 564 1.01 -25.47 13.24
CA VAL D 564 2.00 -24.42 13.06
C VAL D 564 3.04 -24.55 14.16
N PHE D 565 4.31 -24.43 13.78
CA PHE D 565 5.43 -24.45 14.72
C PHE D 565 5.95 -23.02 14.87
N ILE D 566 5.95 -22.52 16.10
CA ILE D 566 6.58 -21.25 16.43
C ILE D 566 7.50 -21.50 17.60
N ASP D 567 8.58 -20.73 17.67
CA ASP D 567 9.68 -21.05 18.58
C ASP D 567 9.26 -20.95 20.03
N VAL D 568 8.42 -19.95 20.37
CA VAL D 568 8.06 -19.64 21.80
C VAL D 568 6.88 -20.50 22.30
N GLU D 569 6.48 -21.57 21.60
CA GLU D 569 5.33 -22.44 21.98
C GLU D 569 5.71 -23.92 21.89
N LYS D 570 6.26 -24.37 20.75
CA LYS D 570 6.59 -25.78 20.51
C LYS D 570 7.99 -26.15 20.96
N LEU D 571 8.80 -25.19 21.42
CA LEU D 571 10.18 -25.46 21.81
C LEU D 571 10.23 -25.72 23.31
N GLU D 572 10.80 -26.86 23.70
CA GLU D 572 10.73 -27.39 25.09
C GLU D 572 12.11 -27.19 25.76
N ALA D 573 12.75 -28.24 26.27
CA ALA D 573 14.03 -28.22 26.96
C ALA D 573 15.04 -29.11 26.25
N GLY D 574 16.29 -28.67 26.26
CA GLY D 574 17.37 -29.42 25.65
C GLY D 574 18.18 -28.61 24.67
N LYS D 575 18.77 -29.29 23.69
CA LYS D 575 19.52 -28.62 22.63
C LYS D 575 18.52 -28.17 21.56
N PHE D 576 18.26 -26.86 21.50
CA PHE D 576 17.24 -26.35 20.59
C PHE D 576 17.68 -26.41 19.13
N GLU D 577 18.98 -26.44 18.88
CA GLU D 577 19.45 -26.49 17.50
C GLU D 577 18.98 -27.76 16.81
N ASP D 578 19.03 -28.89 17.51
CA ASP D 578 18.57 -30.14 16.92
C ASP D 578 17.08 -30.12 16.63
N LYS D 579 16.30 -29.45 17.49
CA LYS D 579 14.85 -29.44 17.34
C LYS D 579 14.40 -28.49 16.23
N LEU D 580 15.06 -27.35 16.08
CA LEU D 580 14.68 -26.40 15.05
C LEU D 580 14.92 -26.97 13.66
N ILE D 581 16.10 -27.58 13.45
CA ILE D 581 16.43 -28.09 12.13
C ILE D 581 15.52 -29.26 11.78
N GLN D 582 15.15 -30.08 12.77
CA GLN D 582 14.27 -31.20 12.51
C GLN D 582 12.83 -30.75 12.29
N SER D 583 12.42 -29.65 12.92
CA SER D 583 11.07 -29.13 12.70
C SER D 583 10.94 -28.52 11.32
N VAL D 584 11.99 -27.83 10.85
CA VAL D 584 11.96 -27.28 9.50
C VAL D 584 11.82 -28.40 8.48
N MET D 585 12.58 -29.47 8.64
CA MET D 585 12.51 -30.60 7.72
C MET D 585 11.16 -31.30 7.75
N GLY D 586 10.41 -31.18 8.85
CA GLY D 586 9.17 -31.93 9.00
C GLY D 586 8.01 -31.32 8.26
N ALA D 587 7.66 -30.07 8.60
CA ALA D 587 6.51 -29.42 8.00
C ALA D 587 6.73 -29.23 6.50
N ARG D 588 5.71 -29.60 5.72
CA ARG D 588 5.81 -29.45 4.27
C ARG D 588 5.96 -27.99 3.86
N ASN D 589 5.19 -27.11 4.49
CA ASN D 589 5.19 -25.70 4.14
C ASN D 589 6.24 -24.95 4.96
N PHE D 590 6.60 -23.76 4.49
CA PHE D 590 7.56 -22.90 5.17
C PHE D 590 7.12 -21.46 4.97
N VAL D 591 6.72 -20.81 6.06
CA VAL D 591 6.31 -19.41 6.05
C VAL D 591 7.43 -18.60 6.66
N LEU D 592 7.88 -17.57 5.94
CA LEU D 592 8.93 -16.67 6.40
C LEU D 592 8.34 -15.27 6.49
N VAL D 593 8.41 -14.66 7.67
CA VAL D 593 7.81 -13.35 7.91
C VAL D 593 8.87 -12.31 7.58
N LEU D 594 8.75 -11.70 6.40
CA LEU D 594 9.67 -10.68 5.94
C LEU D 594 9.14 -9.32 6.39
N SER D 595 9.87 -8.67 7.30
CA SER D 595 9.51 -7.38 7.87
C SER D 595 10.69 -6.44 7.68
N PRO D 596 10.58 -5.16 8.05
CA PRO D 596 11.69 -4.24 7.81
C PRO D 596 13.01 -4.72 8.40
N GLY D 597 13.91 -5.19 7.54
CA GLY D 597 15.23 -5.58 7.98
C GLY D 597 15.34 -7.02 8.42
N ALA D 598 14.37 -7.86 8.09
CA ALA D 598 14.43 -9.25 8.55
C ALA D 598 15.67 -9.97 8.03
N LEU D 599 16.26 -9.48 6.95
CA LEU D 599 17.47 -10.09 6.39
C LEU D 599 18.70 -9.21 6.53
N ASP D 600 18.62 -8.13 7.32
CA ASP D 600 19.82 -7.33 7.58
C ASP D 600 20.85 -8.13 8.36
N LYS D 601 20.40 -8.88 9.37
CA LYS D 601 21.32 -9.68 10.16
C LYS D 601 21.93 -10.81 9.37
N CYS D 602 21.31 -11.22 8.27
CA CYS D 602 21.84 -12.31 7.45
C CYS D 602 22.94 -11.84 6.52
N MET D 603 23.10 -10.54 6.33
CA MET D 603 24.14 -10.03 5.44
C MET D 603 25.51 -10.26 6.07
N GLN D 604 26.47 -10.67 5.24
CA GLN D 604 27.82 -11.00 5.69
C GLN D 604 27.81 -12.16 6.68
N ASP D 605 26.81 -13.03 6.57
CA ASP D 605 26.71 -14.20 7.44
C ASP D 605 27.33 -15.42 6.76
N HIS D 606 28.63 -15.30 6.46
CA HIS D 606 29.33 -16.40 5.82
C HIS D 606 29.37 -17.63 6.72
N ASP D 607 29.61 -17.43 8.02
CA ASP D 607 29.69 -18.54 8.95
C ASP D 607 28.35 -19.22 9.18
N CYS D 608 27.24 -18.62 8.75
CA CYS D 608 25.92 -19.21 8.92
C CYS D 608 25.59 -19.39 10.41
N LYS D 609 25.74 -18.31 11.16
CA LYS D 609 25.43 -18.32 12.59
C LYS D 609 24.04 -17.81 12.91
N ASP D 610 23.54 -16.83 12.16
CA ASP D 610 22.20 -16.31 12.40
C ASP D 610 21.18 -17.40 12.18
N TRP D 611 20.08 -17.33 12.93
CA TRP D 611 19.15 -18.45 13.01
C TRP D 611 18.02 -18.40 11.99
N VAL D 612 17.68 -17.21 11.48
CA VAL D 612 16.76 -17.15 10.34
C VAL D 612 17.44 -17.68 9.10
N HIS D 613 18.73 -17.38 8.93
CA HIS D 613 19.47 -17.93 7.82
C HIS D 613 19.51 -19.45 7.88
N LYS D 614 19.80 -20.00 9.07
CA LYS D 614 19.95 -21.44 9.20
C LYS D 614 18.67 -22.19 8.86
N GLU D 615 17.51 -21.53 9.02
CA GLU D 615 16.25 -22.20 8.73
C GLU D 615 15.90 -22.16 7.25
N ILE D 616 16.29 -21.08 6.56
CA ILE D 616 15.96 -20.96 5.14
C ILE D 616 16.77 -21.95 4.32
N VAL D 617 18.06 -22.10 4.64
CA VAL D 617 18.89 -23.05 3.92
C VAL D 617 18.35 -24.46 4.06
N THR D 618 17.83 -24.80 5.25
CA THR D 618 17.25 -26.12 5.45
C THR D 618 16.01 -26.30 4.58
N ALA D 619 15.16 -25.27 4.50
CA ALA D 619 13.93 -25.39 3.73
C ALA D 619 14.20 -25.52 2.25
N LEU D 620 15.11 -24.71 1.71
CA LEU D 620 15.45 -24.80 0.29
C LEU D 620 16.03 -26.17 -0.05
N SER D 621 16.93 -26.67 0.80
CA SER D 621 17.64 -27.90 0.49
C SER D 621 16.70 -29.08 0.37
N CYS D 622 15.71 -29.18 1.26
CA CYS D 622 14.76 -30.27 1.22
C CYS D 622 13.63 -30.02 0.23
N GLY D 623 13.62 -28.88 -0.45
CA GLY D 623 12.61 -28.61 -1.45
C GLY D 623 11.21 -28.48 -0.89
N LYS D 624 11.07 -27.81 0.26
CA LYS D 624 9.76 -27.58 0.84
C LYS D 624 9.00 -26.54 0.03
N ASN D 625 7.97 -25.93 0.61
CA ASN D 625 7.13 -24.96 -0.07
C ASN D 625 7.25 -23.63 0.68
N ILE D 626 8.01 -22.70 0.11
CA ILE D 626 8.35 -21.45 0.79
C ILE D 626 7.32 -20.40 0.43
N VAL D 627 6.79 -19.72 1.45
CA VAL D 627 5.72 -18.74 1.27
C VAL D 627 6.08 -17.44 1.99
N PRO D 628 6.90 -16.58 1.41
CA PRO D 628 7.24 -15.33 2.09
C PRO D 628 6.05 -14.40 2.24
N ILE D 629 6.05 -13.63 3.32
CA ILE D 629 5.00 -12.66 3.62
C ILE D 629 5.67 -11.31 3.79
N ILE D 630 5.26 -10.34 2.98
CA ILE D 630 5.93 -9.05 2.89
C ILE D 630 5.20 -8.03 3.77
N ASP D 631 5.96 -7.23 4.48
CA ASP D 631 5.39 -6.16 5.32
C ASP D 631 6.46 -5.08 5.48
N GLY D 632 6.28 -3.96 4.79
CA GLY D 632 7.23 -2.88 4.87
C GLY D 632 8.62 -3.26 4.44
N PHE D 633 8.76 -4.35 3.70
CA PHE D 633 10.06 -4.87 3.33
C PHE D 633 10.67 -4.08 2.18
N GLU D 634 11.97 -3.81 2.27
CA GLU D 634 12.73 -3.21 1.19
C GLU D 634 13.45 -4.35 0.47
N TRP D 635 12.99 -4.67 -0.72
CA TRP D 635 13.55 -5.80 -1.44
C TRP D 635 14.99 -5.49 -1.83
N PRO D 636 15.95 -6.36 -1.51
CA PRO D 636 17.35 -6.05 -1.82
C PRO D 636 17.84 -6.70 -3.10
N GLU D 637 18.95 -6.20 -3.63
CA GLU D 637 19.61 -6.86 -4.73
C GLU D 637 20.17 -8.20 -4.27
N PRO D 638 20.11 -9.26 -5.08
CA PRO D 638 20.57 -10.53 -4.57
C PRO D 638 21.99 -10.45 -3.98
N GLN D 639 22.93 -9.69 -4.55
CA GLN D 639 24.33 -9.87 -4.19
C GLN D 639 24.58 -9.69 -2.70
N VAL D 640 23.77 -8.87 -2.02
CA VAL D 640 24.06 -8.54 -0.62
C VAL D 640 23.98 -9.78 0.25
N LEU D 641 22.97 -10.63 0.02
CA LEU D 641 22.79 -11.81 0.85
C LEU D 641 23.78 -12.90 0.49
N PRO D 642 24.12 -13.78 1.43
CA PRO D 642 25.07 -14.85 1.13
C PRO D 642 24.56 -15.77 0.04
N GLU D 643 25.49 -16.35 -0.71
CA GLU D 643 25.13 -17.18 -1.86
C GLU D 643 24.30 -18.39 -1.46
N ASP D 644 24.38 -18.82 -0.20
CA ASP D 644 23.67 -20.04 0.22
C ASP D 644 22.16 -19.88 0.12
N MET D 645 21.64 -18.71 0.47
CA MET D 645 20.20 -18.48 0.58
C MET D 645 19.70 -17.47 -0.46
N GLN D 646 20.21 -17.55 -1.69
CA GLN D 646 19.77 -16.63 -2.72
C GLN D 646 18.42 -17.01 -3.30
N ALA D 647 18.08 -18.29 -3.30
CA ALA D 647 16.86 -18.76 -3.96
C ALA D 647 15.59 -18.34 -3.26
N VAL D 648 15.68 -17.77 -2.05
CA VAL D 648 14.48 -17.35 -1.35
C VAL D 648 13.81 -16.19 -2.07
N LEU D 649 14.61 -15.28 -2.64
CA LEU D 649 14.06 -14.11 -3.31
C LEU D 649 13.36 -14.45 -4.63
N THR D 650 13.47 -15.69 -5.11
CA THR D 650 12.89 -16.08 -6.39
C THR D 650 11.55 -16.80 -6.22
N PHE D 651 11.01 -16.84 -5.00
CA PHE D 651 9.71 -17.44 -4.74
C PHE D 651 8.64 -16.36 -4.72
N ASN D 652 7.42 -16.76 -5.10
CA ASN D 652 6.30 -15.83 -5.09
C ASN D 652 5.80 -15.63 -3.67
N GLY D 653 5.54 -14.37 -3.31
CA GLY D 653 5.12 -14.01 -1.97
C GLY D 653 3.78 -13.32 -1.95
N ILE D 654 3.32 -13.04 -0.73
CA ILE D 654 2.03 -12.39 -0.50
C ILE D 654 2.28 -11.12 0.30
N LYS D 655 1.67 -10.03 -0.13
CA LYS D 655 1.78 -8.76 0.56
C LYS D 655 0.72 -8.66 1.65
N TRP D 656 1.14 -8.43 2.88
CA TRP D 656 0.21 -8.30 3.99
C TRP D 656 -0.44 -6.93 3.93
N SER D 657 -1.77 -6.90 3.89
CA SER D 657 -2.54 -5.67 3.85
C SER D 657 -3.37 -5.55 5.12
N HIS D 658 -3.26 -4.40 5.79
CA HIS D 658 -4.02 -4.17 7.01
C HIS D 658 -5.49 -3.84 6.72
N GLU D 659 -5.78 -3.25 5.57
CA GLU D 659 -7.16 -2.93 5.22
C GLU D 659 -7.88 -4.14 4.64
N TYR D 660 -7.18 -4.97 3.88
CA TYR D 660 -7.77 -6.15 3.28
C TYR D 660 -7.09 -7.41 3.83
N GLN D 661 -7.26 -7.62 5.14
CA GLN D 661 -6.58 -8.72 5.81
C GLN D 661 -7.21 -10.07 5.47
N GLU D 662 -8.54 -10.12 5.39
CA GLU D 662 -9.21 -11.39 5.12
C GLU D 662 -8.81 -11.94 3.76
N ALA D 663 -8.71 -11.07 2.74
CA ALA D 663 -8.29 -11.52 1.43
C ALA D 663 -6.84 -11.99 1.45
N THR D 664 -5.99 -11.32 2.24
CA THR D 664 -4.61 -11.76 2.41
C THR D 664 -4.54 -13.15 3.02
N ILE D 665 -5.29 -13.37 4.10
CA ILE D 665 -5.30 -14.69 4.72
C ILE D 665 -5.91 -15.71 3.77
N GLU D 666 -6.91 -15.30 2.99
CA GLU D 666 -7.48 -16.20 1.99
C GLU D 666 -6.44 -16.59 0.95
N LYS D 667 -5.53 -15.66 0.60
CA LYS D 667 -4.51 -15.96 -0.40
C LYS D 667 -3.46 -16.92 0.14
N ILE D 668 -3.09 -16.78 1.41
CA ILE D 668 -2.08 -17.66 2.00
C ILE D 668 -2.56 -19.10 1.99
N ILE D 669 -3.81 -19.32 2.39
CA ILE D 669 -4.34 -20.68 2.44
C ILE D 669 -4.33 -21.32 1.05
N ARG D 670 -4.43 -20.50 0.01
CA ARG D 670 -4.35 -21.04 -1.35
C ARG D 670 -2.95 -21.55 -1.66
N PHE D 671 -1.92 -20.88 -1.13
CA PHE D 671 -0.55 -21.34 -1.34
C PHE D 671 -0.27 -22.61 -0.55
N LEU D 672 -0.72 -22.68 0.69
CA LEU D 672 -0.38 -23.79 1.57
C LEU D 672 -0.98 -25.09 1.04
N GLN D 673 -0.36 -26.19 1.46
CA GLN D 673 -0.82 -27.53 1.08
C GLN D 673 -1.20 -28.33 2.31
N THR E 534 -5.64 -23.88 -21.78
CA THR E 534 -4.48 -22.97 -21.59
C THR E 534 -4.89 -21.52 -21.85
N PRO E 535 -4.06 -20.58 -21.40
CA PRO E 535 -4.37 -19.16 -21.65
C PRO E 535 -4.36 -18.85 -23.15
N ASP E 536 -5.18 -17.87 -23.52
CA ASP E 536 -5.22 -17.36 -24.89
C ASP E 536 -4.50 -16.04 -25.05
N VAL E 537 -4.51 -15.20 -24.02
CA VAL E 537 -3.85 -13.89 -24.04
C VAL E 537 -2.94 -13.80 -22.83
N PHE E 538 -1.93 -12.93 -22.94
CA PHE E 538 -0.97 -12.72 -21.87
C PHE E 538 -0.59 -11.24 -21.87
N ILE E 539 -0.82 -10.57 -20.75
CA ILE E 539 -0.71 -9.11 -20.67
C ILE E 539 0.58 -8.76 -19.93
N SER E 540 1.40 -7.93 -20.58
CA SER E 540 2.60 -7.34 -19.98
C SER E 540 2.36 -5.85 -19.80
N TYR E 541 2.98 -5.28 -18.78
CA TYR E 541 2.78 -3.87 -18.46
C TYR E 541 3.81 -3.45 -17.42
N ARG E 542 3.75 -2.19 -17.02
CA ARG E 542 4.43 -1.68 -15.85
C ARG E 542 3.44 -1.58 -14.70
N ARG E 543 3.92 -1.80 -13.48
CA ARG E 543 3.05 -1.76 -12.32
C ARG E 543 2.93 -0.36 -11.72
N ASN E 544 3.66 0.62 -12.25
CA ASN E 544 3.58 2.00 -11.79
C ASN E 544 3.20 2.96 -12.90
N SER E 545 2.55 2.45 -13.96
CA SER E 545 2.18 3.32 -15.08
C SER E 545 1.06 2.73 -15.93
N GLY E 546 0.96 1.40 -15.98
CA GLY E 546 -0.01 0.76 -16.86
C GLY E 546 -0.86 -0.30 -16.20
N SER E 547 -0.99 -0.21 -14.87
CA SER E 547 -1.79 -1.20 -14.14
C SER E 547 -3.29 -0.93 -14.28
N GLN E 548 -3.69 0.34 -14.38
CA GLN E 548 -5.09 0.65 -14.59
C GLN E 548 -5.54 0.28 -15.99
N LEU E 549 -4.70 0.53 -16.99
CA LEU E 549 -5.03 0.14 -18.35
C LEU E 549 -4.93 -1.38 -18.52
N ALA E 550 -3.97 -2.01 -17.85
CA ALA E 550 -3.87 -3.46 -17.91
C ALA E 550 -5.06 -4.15 -17.27
N SER E 551 -5.60 -3.56 -16.20
CA SER E 551 -6.76 -4.14 -15.52
C SER E 551 -8.02 -3.93 -16.35
N LEU E 552 -8.18 -2.74 -16.93
CA LEU E 552 -9.33 -2.49 -17.79
C LEU E 552 -9.30 -3.37 -19.02
N LEU E 553 -8.11 -3.61 -19.57
CA LEU E 553 -7.99 -4.45 -20.76
C LEU E 553 -8.42 -5.88 -20.48
N LYS E 554 -8.05 -6.42 -19.32
CA LYS E 554 -8.41 -7.81 -19.01
C LYS E 554 -9.91 -7.97 -18.83
N VAL E 555 -10.57 -6.98 -18.21
CA VAL E 555 -11.99 -7.10 -17.91
C VAL E 555 -12.79 -7.25 -19.20
N HIS E 556 -12.51 -6.41 -20.19
CA HIS E 556 -13.27 -6.46 -21.43
C HIS E 556 -13.01 -7.74 -22.21
N LEU E 557 -11.76 -8.20 -22.22
CA LEU E 557 -11.42 -9.40 -22.98
C LEU E 557 -12.18 -10.62 -22.48
N GLN E 558 -12.41 -10.69 -21.17
CA GLN E 558 -13.06 -11.86 -20.59
C GLN E 558 -14.52 -11.97 -21.03
N LEU E 559 -15.23 -10.84 -21.08
CA LEU E 559 -16.64 -10.87 -21.44
C LEU E 559 -16.86 -11.47 -22.83
N HIS E 560 -15.86 -11.44 -23.69
CA HIS E 560 -15.98 -11.91 -25.06
C HIS E 560 -15.48 -13.34 -25.24
N GLY E 561 -15.19 -14.04 -24.15
CA GLY E 561 -14.80 -15.43 -24.22
C GLY E 561 -13.31 -15.71 -24.25
N PHE E 562 -12.48 -14.71 -23.96
CA PHE E 562 -11.04 -14.91 -23.94
C PHE E 562 -10.55 -15.23 -22.54
N SER E 563 -9.45 -15.98 -22.47
CA SER E 563 -8.84 -16.41 -21.21
C SER E 563 -7.54 -15.64 -21.03
N VAL E 564 -7.63 -14.51 -20.33
CA VAL E 564 -6.51 -13.59 -20.19
C VAL E 564 -5.70 -13.95 -18.96
N PHE E 565 -4.38 -14.00 -19.12
CA PHE E 565 -3.45 -14.28 -18.03
C PHE E 565 -2.84 -12.97 -17.55
N ILE E 566 -2.94 -12.73 -16.24
CA ILE E 566 -2.30 -11.58 -15.62
C ILE E 566 -1.62 -12.06 -14.35
N ASP E 567 -0.60 -11.32 -13.92
CA ASP E 567 0.25 -11.80 -12.83
C ASP E 567 -0.48 -11.77 -11.50
N VAL E 568 -1.17 -10.67 -11.19
CA VAL E 568 -1.78 -10.52 -9.87
C VAL E 568 -2.95 -11.46 -9.66
N GLU E 569 -3.35 -12.21 -10.68
CA GLU E 569 -4.49 -13.13 -10.59
C GLU E 569 -4.09 -14.59 -10.78
N LYS E 570 -3.36 -14.91 -11.85
CA LYS E 570 -3.03 -16.28 -12.19
C LYS E 570 -1.72 -16.76 -11.57
N LEU E 571 -0.92 -15.87 -10.99
CA LEU E 571 0.35 -16.24 -10.40
C LEU E 571 0.13 -16.72 -8.98
N GLU E 572 0.76 -17.85 -8.62
CA GLU E 572 0.55 -18.46 -7.31
C GLU E 572 1.87 -18.88 -6.67
N ALA E 573 1.91 -20.05 -6.04
CA ALA E 573 3.03 -20.42 -5.18
C ALA E 573 4.13 -21.12 -5.96
N GLY E 574 5.37 -20.76 -5.67
CA GLY E 574 6.54 -21.38 -6.24
C GLY E 574 7.45 -20.34 -6.85
N LYS E 575 8.29 -20.80 -7.79
CA LYS E 575 9.20 -19.92 -8.51
C LYS E 575 8.49 -19.36 -9.72
N PHE E 576 8.36 -18.03 -9.78
CA PHE E 576 7.55 -17.37 -10.80
C PHE E 576 8.28 -17.23 -12.13
N GLU E 577 9.61 -17.40 -12.16
CA GLU E 577 10.34 -17.28 -13.41
C GLU E 577 10.04 -18.41 -14.39
N ASP E 578 9.36 -19.47 -13.93
CA ASP E 578 8.97 -20.56 -14.79
C ASP E 578 7.53 -20.42 -15.29
N LYS E 579 6.60 -20.11 -14.37
CA LYS E 579 5.20 -19.97 -14.77
C LYS E 579 5.02 -18.78 -15.70
N LEU E 580 5.70 -17.68 -15.44
CA LEU E 580 5.61 -16.51 -16.32
C LEU E 580 6.10 -16.87 -17.72
N ILE E 581 7.31 -17.43 -17.81
CA ILE E 581 7.85 -17.81 -19.11
C ILE E 581 7.05 -18.96 -19.71
N GLN E 582 6.69 -19.94 -18.91
CA GLN E 582 5.93 -21.08 -19.42
C GLN E 582 4.53 -20.68 -19.87
N SER E 583 4.01 -19.56 -19.39
CA SER E 583 2.73 -19.05 -19.84
C SER E 583 2.86 -18.00 -20.95
N VAL E 584 4.00 -17.33 -21.05
CA VAL E 584 4.23 -16.43 -22.17
C VAL E 584 4.18 -17.21 -23.48
N MET E 585 4.87 -18.36 -23.52
CA MET E 585 4.88 -19.19 -24.71
C MET E 585 3.65 -20.06 -24.85
N GLY E 586 2.81 -20.14 -23.81
CA GLY E 586 1.65 -21.00 -23.87
C GLY E 586 0.43 -20.37 -24.52
N ALA E 587 0.37 -19.05 -24.60
CA ALA E 587 -0.79 -18.34 -25.10
C ALA E 587 -0.56 -17.90 -26.54
N ARG E 588 -1.61 -18.00 -27.35
CA ARG E 588 -1.50 -17.64 -28.76
C ARG E 588 -1.12 -16.17 -28.93
N ASN E 589 -1.73 -15.29 -28.14
CA ASN E 589 -1.62 -13.85 -28.35
C ASN E 589 -0.82 -13.20 -27.22
N PHE E 590 -0.07 -12.17 -27.55
CA PHE E 590 0.76 -11.43 -26.61
C PHE E 590 0.38 -9.96 -26.67
N VAL E 591 0.00 -9.40 -25.53
CA VAL E 591 -0.48 -8.03 -25.44
C VAL E 591 0.48 -7.25 -24.55
N LEU E 592 0.91 -6.08 -25.01
CA LEU E 592 1.85 -5.23 -24.31
C LEU E 592 1.23 -3.85 -24.15
N VAL E 593 1.23 -3.32 -22.92
CA VAL E 593 0.66 -2.02 -22.63
C VAL E 593 1.80 -1.00 -22.60
N LEU E 594 1.70 0.02 -23.45
CA LEU E 594 2.67 1.10 -23.52
C LEU E 594 2.10 2.33 -22.84
N SER E 595 2.90 2.93 -21.97
CA SER E 595 2.50 4.10 -21.18
C SER E 595 3.64 5.11 -21.22
N PRO E 596 3.46 6.32 -20.70
CA PRO E 596 4.57 7.28 -20.70
C PRO E 596 5.83 6.70 -20.09
N GLY E 597 6.87 6.53 -20.91
CA GLY E 597 8.11 5.97 -20.41
C GLY E 597 7.98 4.56 -19.90
N ALA E 598 7.32 3.69 -20.65
CA ALA E 598 7.14 2.32 -20.20
C ALA E 598 8.37 1.46 -20.43
N LEU E 599 9.26 1.87 -21.33
CA LEU E 599 10.40 1.06 -21.71
C LEU E 599 11.73 1.62 -21.21
N ASP E 600 11.72 2.66 -20.37
CA ASP E 600 12.99 3.18 -19.86
C ASP E 600 13.73 2.13 -19.05
N LYS E 601 13.00 1.36 -18.23
CA LYS E 601 13.62 0.26 -17.50
C LYS E 601 14.08 -0.86 -18.42
N CYS E 602 13.68 -0.83 -19.69
CA CYS E 602 14.18 -1.76 -20.70
C CYS E 602 15.34 -1.18 -21.50
N MET E 603 15.71 0.08 -21.27
CA MET E 603 16.81 0.71 -21.96
C MET E 603 18.11 0.47 -21.21
N GLN E 604 19.16 0.11 -21.96
CA GLN E 604 20.48 -0.19 -21.42
C GLN E 604 20.47 -1.37 -20.46
N ASP E 605 19.37 -2.09 -20.37
CA ASP E 605 19.26 -3.28 -19.51
C ASP E 605 19.61 -4.54 -20.30
N HIS E 606 20.77 -4.52 -20.95
CA HIS E 606 21.17 -5.65 -21.79
C HIS E 606 21.29 -6.94 -20.99
N ASP E 607 21.44 -6.85 -19.66
CA ASP E 607 21.55 -8.05 -18.85
C ASP E 607 20.27 -8.89 -18.87
N CYS E 608 19.14 -8.31 -19.27
CA CYS E 608 17.88 -9.01 -19.40
C CYS E 608 17.26 -9.32 -18.03
N LYS E 609 17.60 -8.53 -17.00
CA LYS E 609 17.03 -8.73 -15.68
C LYS E 609 15.59 -8.22 -15.59
N ASP E 610 15.24 -7.20 -16.36
CA ASP E 610 13.87 -6.70 -16.35
C ASP E 610 12.93 -7.75 -16.92
N TRP E 611 11.67 -7.74 -16.44
CA TRP E 611 10.73 -8.79 -16.78
C TRP E 611 9.84 -8.45 -17.97
N VAL E 612 9.49 -7.18 -18.16
CA VAL E 612 8.82 -6.81 -19.40
C VAL E 612 9.71 -7.10 -20.59
N HIS E 613 11.02 -6.89 -20.43
CA HIS E 613 11.99 -7.33 -21.43
C HIS E 613 11.94 -8.84 -21.59
N LYS E 614 12.04 -9.58 -20.49
CA LYS E 614 12.08 -11.03 -20.56
C LYS E 614 10.84 -11.60 -21.22
N GLU E 615 9.69 -10.94 -21.07
CA GLU E 615 8.45 -11.46 -21.63
C GLU E 615 8.38 -11.25 -23.14
N ILE E 616 8.88 -10.11 -23.62
CA ILE E 616 8.75 -9.79 -25.04
C ILE E 616 9.64 -10.69 -25.87
N VAL E 617 10.89 -10.90 -25.44
CA VAL E 617 11.80 -11.74 -26.22
C VAL E 617 11.22 -13.14 -26.37
N THR E 618 10.57 -13.66 -25.33
CA THR E 618 9.91 -14.94 -25.45
C THR E 618 8.80 -14.88 -26.48
N ALA E 619 8.06 -13.76 -26.51
CA ALA E 619 7.01 -13.60 -27.51
C ALA E 619 7.59 -13.30 -28.89
N LEU E 620 8.63 -12.49 -28.95
CA LEU E 620 9.29 -12.23 -30.23
C LEU E 620 9.91 -13.51 -30.80
N SER E 621 10.58 -14.29 -29.95
CA SER E 621 11.27 -15.48 -30.42
C SER E 621 10.30 -16.57 -30.83
N CYS E 622 9.29 -16.84 -29.99
CA CYS E 622 8.33 -17.88 -30.30
C CYS E 622 7.34 -17.48 -31.38
N GLY E 623 7.38 -16.23 -31.84
CA GLY E 623 6.51 -15.79 -32.92
C GLY E 623 5.03 -15.76 -32.56
N LYS E 624 4.70 -15.23 -31.39
CA LYS E 624 3.31 -15.07 -31.00
C LYS E 624 2.73 -13.82 -31.65
N ASN E 625 1.43 -13.60 -31.46
CA ASN E 625 0.75 -12.43 -32.00
C ASN E 625 0.93 -11.28 -31.01
N ILE E 626 1.73 -10.29 -31.38
CA ILE E 626 2.05 -9.16 -30.52
C ILE E 626 1.10 -8.02 -30.85
N VAL E 627 0.49 -7.43 -29.83
CA VAL E 627 -0.46 -6.34 -29.99
C VAL E 627 -0.12 -5.23 -29.02
N PRO E 628 0.71 -4.25 -29.40
CA PRO E 628 0.98 -3.13 -28.50
C PRO E 628 -0.21 -2.19 -28.37
N ILE E 629 -0.30 -1.53 -27.21
CA ILE E 629 -1.34 -0.54 -26.93
C ILE E 629 -0.65 0.76 -26.55
N ILE E 630 -1.02 1.84 -27.24
CA ILE E 630 -0.39 3.15 -27.06
C ILE E 630 -1.27 3.99 -26.14
N ASP E 631 -0.68 4.49 -25.05
CA ASP E 631 -1.39 5.29 -24.06
C ASP E 631 -0.44 6.38 -23.56
N GLY E 632 -0.30 7.45 -24.35
CA GLY E 632 0.62 8.51 -24.03
C GLY E 632 2.05 8.22 -24.39
N PHE E 633 2.32 7.10 -25.04
CA PHE E 633 3.68 6.68 -25.34
C PHE E 633 4.33 7.63 -26.34
N GLU E 634 5.62 7.90 -26.13
CA GLU E 634 6.45 8.64 -27.08
C GLU E 634 7.49 7.69 -27.63
N TRP E 635 7.43 7.41 -28.92
CA TRP E 635 8.24 6.35 -29.51
C TRP E 635 9.71 6.75 -29.51
N PRO E 636 10.61 5.90 -29.03
CA PRO E 636 12.05 6.17 -29.17
C PRO E 636 12.58 5.63 -30.50
N GLU E 637 13.76 6.11 -30.87
CA GLU E 637 14.36 5.60 -32.09
C GLU E 637 14.93 4.21 -31.81
N PRO E 638 14.79 3.25 -32.74
CA PRO E 638 15.06 1.85 -32.42
C PRO E 638 16.45 1.56 -31.86
N GLN E 639 17.38 2.53 -31.86
CA GLN E 639 18.76 2.21 -31.46
C GLN E 639 18.87 2.01 -29.96
N VAL E 640 18.12 2.79 -29.17
CA VAL E 640 18.36 2.84 -27.73
C VAL E 640 18.13 1.48 -27.09
N LEU E 641 17.05 0.80 -27.47
CA LEU E 641 16.70 -0.45 -26.82
C LEU E 641 17.65 -1.57 -27.26
N PRO E 642 17.71 -2.66 -26.50
CA PRO E 642 18.57 -3.79 -26.89
C PRO E 642 18.17 -4.39 -28.22
N GLU E 643 19.02 -5.28 -28.72
CA GLU E 643 18.80 -5.85 -30.05
C GLU E 643 17.65 -6.86 -30.04
N ASP E 644 17.61 -7.74 -29.04
CA ASP E 644 16.60 -8.79 -29.03
C ASP E 644 15.20 -8.24 -28.84
N MET E 645 15.05 -7.04 -28.28
CA MET E 645 13.77 -6.39 -28.09
C MET E 645 13.43 -5.38 -29.18
N GLN E 646 14.39 -5.05 -30.04
CA GLN E 646 14.21 -3.92 -30.96
C GLN E 646 13.18 -4.21 -32.05
N ALA E 647 12.78 -5.45 -32.23
CA ALA E 647 11.79 -5.79 -33.26
C ALA E 647 10.36 -5.54 -32.80
N VAL E 648 10.14 -5.17 -31.54
CA VAL E 648 8.79 -4.84 -31.09
C VAL E 648 8.35 -3.50 -31.65
N LEU E 649 9.29 -2.59 -31.88
CA LEU E 649 8.94 -1.27 -32.41
C LEU E 649 8.35 -1.35 -33.82
N THR E 650 8.50 -2.48 -34.50
CA THR E 650 8.04 -2.61 -35.88
C THR E 650 6.62 -3.14 -36.00
N PHE E 651 5.92 -3.34 -34.89
CA PHE E 651 4.55 -3.81 -34.93
C PHE E 651 3.60 -2.62 -34.98
N ASN E 652 2.31 -2.92 -35.11
CA ASN E 652 1.26 -1.90 -35.32
C ASN E 652 0.46 -1.77 -34.03
N GLY E 653 0.78 -0.74 -33.25
CA GLY E 653 0.05 -0.49 -32.02
C GLY E 653 -1.33 0.07 -32.26
N ILE E 654 -2.19 -0.09 -31.26
CA ILE E 654 -3.56 0.39 -31.29
C ILE E 654 -3.67 1.53 -30.29
N LYS E 655 -3.90 2.75 -30.79
CA LYS E 655 -4.05 3.89 -29.91
C LYS E 655 -5.24 3.70 -28.98
N TRP E 656 -5.02 3.97 -27.70
CA TRP E 656 -6.10 3.98 -26.73
C TRP E 656 -6.72 5.37 -26.72
N SER E 657 -8.02 5.44 -26.98
CA SER E 657 -8.76 6.69 -27.00
C SER E 657 -9.74 6.70 -25.85
N HIS E 658 -9.68 7.75 -25.03
CA HIS E 658 -10.64 7.89 -23.94
C HIS E 658 -12.00 8.32 -24.46
N GLU E 659 -12.04 9.08 -25.56
CA GLU E 659 -13.30 9.53 -26.12
C GLU E 659 -14.02 8.43 -26.88
N TYR E 660 -13.27 7.48 -27.46
CA TYR E 660 -13.82 6.41 -28.28
C TYR E 660 -13.29 5.06 -27.79
N GLN E 661 -13.56 4.76 -26.52
CA GLN E 661 -13.14 3.47 -25.97
C GLN E 661 -13.87 2.31 -26.62
N GLU E 662 -15.14 2.50 -27.00
CA GLU E 662 -15.89 1.40 -27.59
C GLU E 662 -15.28 0.97 -28.92
N ALA E 663 -14.80 1.94 -29.71
CA ALA E 663 -14.17 1.60 -30.98
C ALA E 663 -12.77 1.02 -30.77
N THR E 664 -12.09 1.41 -29.70
CA THR E 664 -10.77 0.84 -29.42
C THR E 664 -10.87 -0.64 -29.12
N ILE E 665 -11.83 -1.05 -28.30
CA ILE E 665 -11.89 -2.44 -27.85
C ILE E 665 -12.16 -3.37 -29.03
N GLU E 666 -13.12 -3.00 -29.88
CA GLU E 666 -13.44 -3.87 -31.02
C GLU E 666 -12.25 -4.01 -31.95
N LYS E 667 -11.39 -3.00 -32.02
CA LYS E 667 -10.16 -3.12 -32.79
C LYS E 667 -9.24 -4.15 -32.17
N ILE E 668 -9.00 -4.05 -30.87
CA ILE E 668 -8.11 -5.00 -30.19
C ILE E 668 -8.60 -6.42 -30.42
N ILE E 669 -9.90 -6.67 -30.22
CA ILE E 669 -10.45 -7.99 -30.48
C ILE E 669 -10.21 -8.37 -31.94
N ARG E 670 -10.35 -7.40 -32.85
CA ARG E 670 -10.10 -7.65 -34.26
C ARG E 670 -8.67 -8.14 -34.49
N PHE E 671 -7.72 -7.61 -33.73
CA PHE E 671 -6.34 -8.05 -33.85
C PHE E 671 -6.13 -9.42 -33.24
N LEU E 672 -6.75 -9.68 -32.09
CA LEU E 672 -6.57 -10.96 -31.41
C LEU E 672 -7.13 -12.09 -32.26
N GLN E 673 -6.39 -13.20 -32.31
CA GLN E 673 -6.75 -14.31 -33.18
C GLN E 673 -6.42 -15.64 -32.51
N THR F 534 17.32 -38.65 47.40
CA THR F 534 18.34 -37.64 46.97
C THR F 534 17.67 -36.49 46.23
N PRO F 535 18.25 -35.29 46.29
CA PRO F 535 17.65 -34.15 45.58
C PRO F 535 17.54 -34.43 44.09
N ASP F 536 16.42 -33.98 43.51
CA ASP F 536 16.19 -34.11 42.07
C ASP F 536 16.60 -32.88 41.28
N VAL F 537 16.77 -31.74 41.93
CA VAL F 537 17.13 -30.49 41.27
C VAL F 537 18.30 -29.86 42.02
N PHE F 538 19.33 -29.47 41.29
CA PHE F 538 20.52 -28.84 41.86
C PHE F 538 20.60 -27.41 41.35
N ILE F 539 20.71 -26.47 42.28
CA ILE F 539 20.73 -25.05 41.96
C ILE F 539 22.15 -24.53 42.10
N SER F 540 22.68 -23.99 41.01
CA SER F 540 23.96 -23.31 41.00
C SER F 540 23.72 -21.82 40.86
N TYR F 541 24.38 -21.03 41.71
CA TYR F 541 24.15 -19.59 41.73
C TYR F 541 25.38 -18.88 42.28
N ARG F 542 25.42 -17.58 42.06
CA ARG F 542 26.49 -16.73 42.56
C ARG F 542 25.97 -15.98 43.79
N ARG F 543 26.59 -16.21 44.95
CA ARG F 543 26.02 -15.74 46.20
C ARG F 543 25.90 -14.23 46.27
N ASN F 544 26.64 -13.50 45.45
CA ASN F 544 26.58 -12.05 45.44
C ASN F 544 25.51 -11.51 44.50
N SER F 545 24.63 -12.37 43.99
CA SER F 545 23.58 -11.93 43.07
C SER F 545 22.43 -12.92 43.05
N GLY F 546 22.73 -14.20 42.90
CA GLY F 546 21.70 -15.21 42.82
C GLY F 546 21.14 -15.66 44.14
N SER F 547 21.62 -15.09 45.25
CA SER F 547 21.16 -15.53 46.57
C SER F 547 19.67 -15.34 46.73
N GLN F 548 19.13 -14.24 46.21
CA GLN F 548 17.73 -13.90 46.43
C GLN F 548 16.83 -14.65 45.46
N LEU F 549 17.16 -14.62 44.16
CA LEU F 549 16.37 -15.36 43.19
C LEU F 549 16.44 -16.86 43.46
N ALA F 550 17.63 -17.39 43.75
CA ALA F 550 17.76 -18.83 43.96
C ALA F 550 16.94 -19.29 45.16
N SER F 551 16.93 -18.49 46.24
CA SER F 551 16.11 -18.82 47.39
C SER F 551 14.63 -18.78 47.04
N LEU F 552 14.22 -17.77 46.27
CA LEU F 552 12.85 -17.72 45.77
C LEU F 552 12.55 -18.93 44.89
N LEU F 553 13.48 -19.28 43.99
CA LEU F 553 13.27 -20.42 43.11
C LEU F 553 13.22 -21.73 43.88
N LYS F 554 13.95 -21.82 45.00
CA LYS F 554 13.93 -23.03 45.80
C LYS F 554 12.56 -23.27 46.45
N VAL F 555 11.97 -22.21 47.00
CA VAL F 555 10.71 -22.37 47.73
C VAL F 555 9.59 -22.79 46.78
N HIS F 556 9.51 -22.17 45.61
CA HIS F 556 8.46 -22.53 44.65
C HIS F 556 8.60 -23.97 44.19
N LEU F 557 9.84 -24.41 43.94
CA LEU F 557 10.05 -25.78 43.47
C LEU F 557 9.62 -26.79 44.52
N GLN F 558 9.93 -26.54 45.79
CA GLN F 558 9.63 -27.51 46.83
C GLN F 558 8.12 -27.72 46.98
N LEU F 559 7.34 -26.65 46.86
CA LEU F 559 5.90 -26.76 47.04
C LEU F 559 5.26 -27.65 45.99
N HIS F 560 5.96 -27.94 44.90
CA HIS F 560 5.42 -28.76 43.82
C HIS F 560 5.92 -30.20 43.86
N GLY F 561 6.84 -30.52 44.76
CA GLY F 561 7.26 -31.89 44.96
C GLY F 561 8.58 -32.28 44.33
N PHE F 562 9.55 -31.38 44.26
CA PHE F 562 10.89 -31.69 43.78
C PHE F 562 11.87 -31.47 44.92
N SER F 563 12.66 -32.49 45.24
CA SER F 563 13.67 -32.37 46.29
C SER F 563 14.84 -31.58 45.74
N VAL F 564 15.04 -30.38 46.28
CA VAL F 564 16.00 -29.41 45.75
C VAL F 564 17.23 -29.38 46.65
N PHE F 565 18.38 -29.04 46.07
CA PHE F 565 19.65 -28.98 46.78
C PHE F 565 20.22 -27.58 46.65
N ILE F 566 20.45 -26.93 47.78
CA ILE F 566 21.12 -25.64 47.82
C ILE F 566 22.17 -25.68 48.94
N ASP F 567 23.20 -24.84 48.81
CA ASP F 567 24.37 -24.95 49.68
C ASP F 567 24.04 -24.52 51.11
N VAL F 568 23.36 -23.39 51.28
CA VAL F 568 23.12 -22.86 52.61
C VAL F 568 22.21 -23.80 53.39
N GLU F 569 21.34 -24.52 52.71
CA GLU F 569 20.40 -25.42 53.35
C GLU F 569 20.96 -26.82 53.59
N LYS F 570 21.96 -27.25 52.79
CA LYS F 570 22.45 -28.65 52.83
C LYS F 570 23.98 -28.79 52.97
N LEU F 571 24.81 -27.79 52.63
CA LEU F 571 26.26 -27.95 52.67
C LEU F 571 26.71 -28.14 54.11
N GLU F 572 26.85 -29.38 54.54
CA GLU F 572 27.17 -29.70 55.93
C GLU F 572 28.63 -29.37 56.21
N ALA F 573 29.14 -29.87 57.34
CA ALA F 573 30.49 -29.56 57.79
C ALA F 573 31.48 -30.58 57.27
N GLY F 574 32.76 -30.41 57.64
CA GLY F 574 33.81 -31.28 57.20
C GLY F 574 34.61 -30.68 56.06
N LYS F 575 34.66 -31.38 54.93
CA LYS F 575 35.27 -30.88 53.71
C LYS F 575 34.21 -30.87 52.61
N PHE F 576 33.99 -29.70 52.03
CA PHE F 576 32.78 -29.43 51.26
C PHE F 576 32.92 -29.75 49.78
N GLU F 577 34.13 -30.09 49.32
CA GLU F 577 34.33 -30.30 47.89
C GLU F 577 33.54 -31.50 47.38
N ASP F 578 33.58 -32.61 48.12
CA ASP F 578 32.93 -33.89 47.69
C ASP F 578 31.47 -33.89 48.15
N LYS F 579 31.01 -32.85 48.84
CA LYS F 579 29.58 -32.72 49.26
C LYS F 579 28.78 -32.45 47.98
N LEU F 580 28.77 -31.22 47.46
CA LEU F 580 27.88 -30.80 46.32
C LEU F 580 28.38 -31.28 44.93
N ILE F 581 29.64 -31.75 44.79
CA ILE F 581 30.14 -32.30 43.48
C ILE F 581 29.52 -33.68 43.26
N GLN F 582 29.31 -34.47 44.32
CA GLN F 582 28.73 -35.84 44.21
C GLN F 582 27.19 -35.74 44.18
N SER F 583 26.62 -34.60 44.59
CA SER F 583 25.17 -34.42 44.63
C SER F 583 24.60 -34.15 43.24
N VAL F 584 25.24 -33.26 42.48
CA VAL F 584 24.69 -32.87 41.19
C VAL F 584 24.56 -34.09 40.28
N MET F 585 25.49 -35.04 40.37
CA MET F 585 25.39 -36.26 39.57
C MET F 585 24.13 -37.03 39.91
N GLY F 586 23.80 -37.13 41.20
CA GLY F 586 22.57 -37.81 41.58
C GLY F 586 21.33 -37.08 41.12
N ALA F 587 21.37 -35.74 41.15
CA ALA F 587 20.20 -34.94 40.77
C ALA F 587 20.01 -34.97 39.26
N ARG F 588 18.81 -35.36 38.84
CA ARG F 588 18.53 -35.48 37.41
C ARG F 588 18.64 -34.13 36.70
N ASN F 589 17.93 -33.12 37.21
CA ASN F 589 17.93 -31.80 36.60
C ASN F 589 19.04 -30.94 37.18
N PHE F 590 19.50 -29.98 36.40
CA PHE F 590 20.52 -29.03 36.83
C PHE F 590 20.06 -27.62 36.48
N VAL F 591 19.39 -26.96 37.42
CA VAL F 591 19.00 -25.57 37.26
C VAL F 591 20.22 -24.70 37.54
N LEU F 592 20.33 -23.61 36.80
CA LEU F 592 21.42 -22.65 36.95
C LEU F 592 20.85 -21.24 36.92
N VAL F 593 21.07 -20.49 37.99
CA VAL F 593 20.61 -19.10 38.06
C VAL F 593 21.65 -18.23 37.35
N LEU F 594 21.19 -17.45 36.37
CA LEU F 594 22.05 -16.57 35.59
C LEU F 594 21.71 -15.12 35.90
N SER F 595 22.12 -14.68 37.09
CA SER F 595 21.99 -13.29 37.46
C SER F 595 23.10 -12.48 36.80
N PRO F 596 23.01 -11.12 36.76
CA PRO F 596 24.03 -10.31 36.06
C PRO F 596 25.43 -10.67 36.57
N GLY F 597 26.30 -11.25 35.74
CA GLY F 597 27.69 -11.60 36.13
C GLY F 597 27.77 -12.94 36.84
N ALA F 598 26.93 -13.91 36.47
CA ALA F 598 26.90 -15.26 37.11
C ALA F 598 27.94 -16.18 36.44
N LEU F 599 28.58 -15.75 35.35
CA LEU F 599 29.66 -16.54 34.67
C LEU F 599 30.82 -15.61 34.25
N ASP F 600 30.98 -14.46 34.92
CA ASP F 600 32.03 -13.44 34.61
C ASP F 600 33.32 -13.78 35.37
N LYS F 601 33.23 -14.57 36.44
CA LYS F 601 34.37 -15.06 37.27
C LYS F 601 34.89 -16.37 36.66
N CYS F 602 34.02 -17.13 35.97
CA CYS F 602 34.36 -18.33 35.24
C CYS F 602 35.23 -18.05 34.02
N MET F 603 35.23 -16.82 33.53
CA MET F 603 36.02 -16.49 32.35
C MET F 603 37.49 -16.76 32.61
N GLN F 604 38.14 -17.43 31.65
CA GLN F 604 39.54 -17.84 31.78
C GLN F 604 39.79 -18.52 33.12
N ASP F 605 38.96 -19.51 33.42
CA ASP F 605 39.14 -20.34 34.60
C ASP F 605 39.74 -21.70 34.21
N HIS F 606 40.85 -21.63 33.48
CA HIS F 606 41.48 -22.83 32.97
C HIS F 606 41.90 -23.78 34.09
N ASP F 607 42.08 -23.27 35.30
CA ASP F 607 42.44 -24.10 36.45
C ASP F 607 41.23 -24.75 37.10
N CYS F 608 40.01 -24.47 36.63
CA CYS F 608 38.80 -25.04 37.21
C CYS F 608 38.62 -24.60 38.67
N LYS F 609 39.13 -23.42 39.00
CA LYS F 609 39.07 -22.96 40.38
C LYS F 609 37.67 -22.51 40.77
N ASP F 610 36.97 -21.80 39.88
CA ASP F 610 35.66 -21.26 40.21
C ASP F 610 34.68 -22.39 40.48
N TRP F 611 33.81 -22.19 41.48
CA TRP F 611 32.92 -23.26 41.91
C TRP F 611 31.69 -23.38 41.03
N VAL F 612 31.29 -22.30 40.35
CA VAL F 612 30.24 -22.41 39.35
C VAL F 612 30.74 -23.21 38.16
N HIS F 613 32.01 -23.03 37.79
CA HIS F 613 32.60 -23.80 36.70
C HIS F 613 32.62 -25.29 37.02
N LYS F 614 32.98 -25.65 38.25
CA LYS F 614 33.07 -27.06 38.62
C LYS F 614 31.72 -27.77 38.54
N GLU F 615 30.62 -27.03 38.56
CA GLU F 615 29.30 -27.64 38.59
C GLU F 615 28.71 -27.82 37.20
N ILE F 616 28.99 -26.89 36.29
CA ILE F 616 28.56 -27.08 34.90
C ILE F 616 29.25 -28.28 34.30
N VAL F 617 30.57 -28.41 34.51
CA VAL F 617 31.32 -29.50 33.89
C VAL F 617 30.79 -30.84 34.37
N THR F 618 30.53 -30.98 35.67
CA THR F 618 29.97 -32.23 36.16
C THR F 618 28.59 -32.47 35.59
N ALA F 619 27.80 -31.40 35.40
CA ALA F 619 26.48 -31.55 34.83
C ALA F 619 26.55 -31.92 33.35
N LEU F 620 27.38 -31.19 32.58
CA LEU F 620 27.52 -31.50 31.16
C LEU F 620 28.19 -32.86 30.97
N SER F 621 29.32 -33.08 31.64
CA SER F 621 30.09 -34.30 31.41
C SER F 621 29.30 -35.55 31.76
N CYS F 622 28.34 -35.43 32.67
CA CYS F 622 27.43 -36.52 32.96
C CYS F 622 26.21 -36.54 32.04
N GLY F 623 26.08 -35.54 31.17
CA GLY F 623 24.93 -35.46 30.28
C GLY F 623 23.62 -35.21 30.98
N LYS F 624 23.60 -34.29 31.94
CA LYS F 624 22.40 -34.01 32.71
C LYS F 624 21.44 -33.12 31.91
N ASN F 625 20.29 -32.83 32.51
CA ASN F 625 19.28 -31.98 31.90
C ASN F 625 19.43 -30.58 32.49
N ILE F 626 19.97 -29.66 31.71
CA ILE F 626 20.31 -28.32 32.16
C ILE F 626 19.18 -27.38 31.79
N VAL F 627 18.72 -26.58 32.76
CA VAL F 627 17.59 -25.67 32.58
C VAL F 627 17.99 -24.29 33.07
N PRO F 628 18.70 -23.48 32.27
CA PRO F 628 19.09 -22.15 32.74
C PRO F 628 17.89 -21.27 33.03
N ILE F 629 18.01 -20.46 34.07
CA ILE F 629 17.01 -19.46 34.43
C ILE F 629 17.68 -18.09 34.30
N ILE F 630 17.10 -17.23 33.47
CA ILE F 630 17.74 -15.98 33.06
C ILE F 630 17.10 -14.83 33.82
N ASP F 631 17.94 -13.93 34.35
CA ASP F 631 17.44 -12.75 35.06
C ASP F 631 18.44 -11.61 34.82
N GLY F 632 18.10 -10.72 33.89
CA GLY F 632 18.99 -9.61 33.59
C GLY F 632 20.34 -10.03 33.08
N PHE F 633 20.38 -11.06 32.22
CA PHE F 633 21.62 -11.59 31.69
C PHE F 633 21.87 -11.08 30.28
N GLU F 634 23.14 -10.87 29.96
CA GLU F 634 23.58 -10.46 28.63
C GLU F 634 24.41 -11.61 28.05
N TRP F 635 23.84 -12.29 27.07
CA TRP F 635 24.40 -13.54 26.60
C TRP F 635 25.72 -13.30 25.89
N PRO F 636 26.84 -13.89 26.35
CA PRO F 636 28.12 -13.66 25.70
C PRO F 636 28.35 -14.56 24.50
N GLU F 637 29.35 -14.19 23.71
CA GLU F 637 29.76 -14.99 22.57
C GLU F 637 30.58 -16.19 23.05
N PRO F 638 30.40 -17.38 22.47
CA PRO F 638 30.97 -18.59 23.09
C PRO F 638 32.48 -18.53 23.31
N GLN F 639 33.25 -17.92 22.40
CA GLN F 639 34.69 -17.99 22.50
C GLN F 639 35.23 -17.37 23.78
N VAL F 640 34.44 -16.52 24.43
CA VAL F 640 34.91 -15.86 25.64
C VAL F 640 35.03 -16.82 26.82
N LEU F 641 34.45 -18.02 26.71
CA LEU F 641 34.39 -18.97 27.81
C LEU F 641 35.22 -20.21 27.51
N PRO F 642 35.68 -20.92 28.54
CA PRO F 642 36.47 -22.14 28.31
C PRO F 642 35.67 -23.18 27.56
N GLU F 643 36.36 -23.92 26.69
CA GLU F 643 35.71 -24.91 25.84
C GLU F 643 34.97 -25.97 26.64
N ASP F 644 35.37 -26.19 27.90
CA ASP F 644 34.73 -27.23 28.68
C ASP F 644 33.25 -26.95 28.91
N MET F 645 32.90 -25.69 29.19
CA MET F 645 31.56 -25.33 29.61
C MET F 645 30.81 -24.47 28.59
N GLN F 646 31.35 -24.31 27.38
CA GLN F 646 30.61 -23.56 26.37
C GLN F 646 29.28 -24.23 26.00
N ALA F 647 29.16 -25.53 26.24
CA ALA F 647 27.96 -26.26 25.84
C ALA F 647 26.74 -25.89 26.67
N VAL F 648 26.90 -25.10 27.73
CA VAL F 648 25.76 -24.71 28.54
C VAL F 648 24.97 -23.58 27.90
N LEU F 649 25.54 -22.87 26.92
CA LEU F 649 24.83 -21.81 26.24
C LEU F 649 23.82 -22.33 25.22
N THR F 650 23.99 -23.57 24.75
CA THR F 650 23.10 -24.16 23.77
C THR F 650 21.97 -24.96 24.42
N PHE F 651 21.39 -24.43 25.48
CA PHE F 651 20.23 -25.02 26.14
C PHE F 651 19.11 -23.98 26.16
N ASN F 652 17.88 -24.42 25.89
CA ASN F 652 16.71 -23.49 25.82
C ASN F 652 16.44 -22.99 27.24
N GLY F 653 16.82 -21.74 27.56
CA GLY F 653 16.64 -21.13 28.86
C GLY F 653 15.24 -20.61 29.07
N ILE F 654 14.97 -20.20 30.31
CA ILE F 654 13.69 -19.66 30.71
C ILE F 654 13.91 -18.25 31.22
N LYS F 655 13.16 -17.29 30.71
CA LYS F 655 13.26 -15.90 31.12
C LYS F 655 12.37 -15.67 32.33
N TRP F 656 12.97 -15.23 33.43
CA TRP F 656 12.22 -14.95 34.65
C TRP F 656 11.50 -13.61 34.51
N SER F 657 10.19 -13.61 34.73
CA SER F 657 9.37 -12.42 34.59
C SER F 657 8.79 -12.06 35.95
N HIS F 658 9.05 -10.83 36.40
CA HIS F 658 8.47 -10.37 37.66
C HIS F 658 6.96 -10.18 37.54
N GLU F 659 6.47 -9.78 36.36
CA GLU F 659 5.04 -9.60 36.19
C GLU F 659 4.32 -10.93 36.06
N TYR F 660 4.89 -11.86 35.31
CA TYR F 660 4.26 -13.16 35.02
C TYR F 660 5.12 -14.26 35.63
N GLN F 661 5.17 -14.30 36.96
CA GLN F 661 5.87 -15.38 37.65
C GLN F 661 5.07 -16.67 37.65
N GLU F 662 3.74 -16.58 37.72
CA GLU F 662 2.92 -17.78 37.72
C GLU F 662 3.10 -18.57 36.43
N ALA F 663 3.20 -17.85 35.29
CA ALA F 663 3.53 -18.53 34.04
C ALA F 663 4.98 -18.96 34.01
N THR F 664 5.89 -18.12 34.51
CA THR F 664 7.30 -18.47 34.56
C THR F 664 7.51 -19.73 35.38
N ILE F 665 6.90 -19.80 36.56
CA ILE F 665 7.04 -20.98 37.41
C ILE F 665 6.41 -22.19 36.73
N GLU F 666 5.29 -21.99 36.04
CA GLU F 666 4.67 -23.10 35.33
C GLU F 666 5.56 -23.60 34.20
N LYS F 667 6.26 -22.69 33.52
CA LYS F 667 7.12 -23.08 32.41
C LYS F 667 8.24 -23.99 32.88
N ILE F 668 8.83 -23.69 34.04
CA ILE F 668 9.93 -24.50 34.55
C ILE F 668 9.46 -25.93 34.80
N ILE F 669 8.22 -26.09 35.26
CA ILE F 669 7.71 -27.43 35.55
C ILE F 669 7.68 -28.26 34.28
N ARG F 670 7.35 -27.64 33.15
CA ARG F 670 7.39 -28.35 31.86
C ARG F 670 8.79 -28.75 31.47
N PHE F 671 9.78 -27.93 31.82
CA PHE F 671 11.17 -28.19 31.45
C PHE F 671 11.85 -29.18 32.37
N LEU F 672 11.23 -29.56 33.48
CA LEU F 672 11.84 -30.47 34.43
C LEU F 672 11.47 -31.92 34.09
N GLN F 673 12.15 -32.84 34.75
CA GLN F 673 11.96 -34.27 34.51
C GLN F 673 11.96 -35.06 35.80
N THR G 534 -8.64 -7.67 -53.95
CA THR G 534 -7.38 -7.01 -53.53
C THR G 534 -7.45 -5.50 -53.75
N PRO G 535 -6.58 -4.75 -53.07
CA PRO G 535 -6.60 -3.29 -53.25
C PRO G 535 -6.28 -2.89 -54.68
N ASP G 536 -6.87 -1.78 -55.11
CA ASP G 536 -6.63 -1.21 -56.42
C ASP G 536 -6.00 0.17 -56.40
N VAL G 537 -6.35 1.00 -55.42
CA VAL G 537 -5.79 2.35 -55.29
C VAL G 537 -5.10 2.44 -53.92
N PHE G 538 -3.82 2.76 -53.93
CA PHE G 538 -3.06 2.97 -52.71
C PHE G 538 -2.77 4.45 -52.57
N ILE G 539 -3.13 5.02 -51.43
CA ILE G 539 -3.09 6.47 -51.21
C ILE G 539 -1.92 6.79 -50.29
N SER G 540 -1.14 7.80 -50.67
CA SER G 540 -0.01 8.27 -49.89
C SER G 540 -0.24 9.73 -49.50
N TYR G 541 0.06 10.05 -48.24
CA TYR G 541 -0.17 11.40 -47.73
C TYR G 541 0.68 11.59 -46.48
N ARG G 542 0.68 12.83 -45.99
CA ARG G 542 1.38 13.21 -44.77
C ARG G 542 0.34 13.51 -43.70
N ARG G 543 0.43 12.80 -42.57
CA ARG G 543 -0.61 12.89 -41.55
C ARG G 543 -0.66 14.27 -40.89
N ASN G 544 0.35 15.10 -41.08
CA ASN G 544 0.43 16.39 -40.41
C ASN G 544 -0.13 17.54 -41.25
N SER G 545 -0.67 17.26 -42.43
CA SER G 545 -1.18 18.34 -43.28
C SER G 545 -2.18 17.81 -44.31
N GLY G 546 -1.95 16.60 -44.80
CA GLY G 546 -2.83 15.97 -45.77
C GLY G 546 -3.82 15.00 -45.20
N SER G 547 -4.01 14.98 -43.87
CA SER G 547 -4.92 14.02 -43.27
C SER G 547 -6.35 14.23 -43.76
N GLN G 548 -6.86 15.46 -43.66
CA GLN G 548 -8.21 15.73 -44.12
C GLN G 548 -8.31 15.60 -45.64
N LEU G 549 -7.29 16.09 -46.36
CA LEU G 549 -7.30 15.99 -47.81
C LEU G 549 -7.29 14.52 -48.25
N ALA G 550 -6.38 13.73 -47.67
CA ALA G 550 -6.30 12.32 -48.05
C ALA G 550 -7.59 11.59 -47.71
N SER G 551 -8.19 11.93 -46.56
CA SER G 551 -9.45 11.30 -46.19
C SER G 551 -10.56 11.65 -47.18
N LEU G 552 -10.61 12.91 -47.63
CA LEU G 552 -11.64 13.31 -48.57
C LEU G 552 -11.51 12.56 -49.89
N LEU G 553 -10.29 12.41 -50.40
CA LEU G 553 -10.10 11.74 -51.68
C LEU G 553 -10.66 10.32 -51.63
N LYS G 554 -10.41 9.61 -50.54
CA LYS G 554 -10.78 8.19 -50.47
C LYS G 554 -12.27 7.99 -50.62
N VAL G 555 -13.08 8.83 -49.97
CA VAL G 555 -14.51 8.57 -49.89
C VAL G 555 -15.15 8.57 -51.27
N HIS G 556 -14.69 9.46 -52.16
CA HIS G 556 -15.27 9.54 -53.49
C HIS G 556 -14.84 8.37 -54.36
N LEU G 557 -13.56 8.01 -54.32
CA LEU G 557 -13.06 6.95 -55.20
C LEU G 557 -13.75 5.63 -54.91
N GLN G 558 -13.78 5.23 -53.64
CA GLN G 558 -14.46 3.99 -53.28
C GLN G 558 -15.97 4.10 -53.44
N LEU G 559 -16.51 5.32 -53.46
CA LEU G 559 -17.94 5.48 -53.72
C LEU G 559 -18.30 5.04 -55.14
N HIS G 560 -17.43 5.35 -56.10
CA HIS G 560 -17.70 5.00 -57.50
C HIS G 560 -17.54 3.51 -57.77
N GLY G 561 -17.00 2.74 -56.82
CA GLY G 561 -16.87 1.30 -56.98
C GLY G 561 -15.43 0.80 -57.00
N PHE G 562 -14.42 1.64 -56.79
CA PHE G 562 -13.04 1.16 -56.77
C PHE G 562 -12.71 0.54 -55.42
N SER G 563 -11.54 -0.09 -55.37
CA SER G 563 -10.98 -0.63 -54.14
C SER G 563 -9.80 0.22 -53.73
N VAL G 564 -9.76 0.62 -52.47
CA VAL G 564 -8.76 1.56 -51.97
C VAL G 564 -8.13 0.99 -50.71
N PHE G 565 -6.84 1.26 -50.54
CA PHE G 565 -6.10 0.92 -49.32
C PHE G 565 -5.67 2.19 -48.65
N ILE G 566 -6.02 2.34 -47.37
CA ILE G 566 -5.59 3.46 -46.55
C ILE G 566 -5.09 2.90 -45.23
N ASP G 567 -4.04 3.50 -44.68
CA ASP G 567 -3.36 2.93 -43.52
C ASP G 567 -4.28 2.84 -42.31
N VAL G 568 -5.10 3.86 -42.07
CA VAL G 568 -5.88 3.93 -40.84
C VAL G 568 -7.20 3.16 -41.01
N GLU G 569 -7.21 2.17 -41.90
CA GLU G 569 -8.38 1.32 -42.05
C GLU G 569 -7.97 -0.13 -42.25
N LYS G 570 -7.33 -0.43 -43.38
CA LYS G 570 -7.07 -1.81 -43.76
C LYS G 570 -5.80 -2.39 -43.14
N LEU G 571 -4.97 -1.55 -42.51
CA LEU G 571 -3.76 -2.07 -41.88
C LEU G 571 -4.14 -3.00 -40.74
N GLU G 572 -3.39 -4.09 -40.58
CA GLU G 572 -3.77 -5.22 -39.75
C GLU G 572 -2.67 -5.52 -38.73
N ALA G 573 -2.89 -6.56 -37.94
CA ALA G 573 -1.92 -7.02 -36.95
C ALA G 573 -0.65 -7.52 -37.63
N GLY G 574 0.49 -7.29 -36.97
CA GLY G 574 1.76 -7.78 -37.45
C GLY G 574 2.78 -6.68 -37.67
N LYS G 575 3.78 -6.97 -38.49
CA LYS G 575 4.77 -5.98 -38.87
C LYS G 575 4.32 -5.28 -40.15
N PHE G 576 4.35 -3.95 -40.13
CA PHE G 576 3.73 -3.16 -41.18
C PHE G 576 4.68 -2.79 -42.31
N GLU G 577 5.98 -2.65 -42.03
CA GLU G 577 6.92 -2.30 -43.09
C GLU G 577 6.82 -3.27 -44.26
N ASP G 578 6.60 -4.56 -43.97
CA ASP G 578 6.37 -5.52 -45.03
C ASP G 578 5.06 -5.24 -45.77
N LYS G 579 4.02 -4.88 -45.02
CA LYS G 579 2.70 -4.75 -45.63
C LYS G 579 2.60 -3.52 -46.53
N LEU G 580 3.07 -2.38 -46.05
CA LEU G 580 2.93 -1.14 -46.82
C LEU G 580 3.61 -1.26 -48.17
N ILE G 581 4.88 -1.66 -48.18
CA ILE G 581 5.60 -1.81 -49.44
C ILE G 581 4.95 -2.90 -50.29
N GLN G 582 4.55 -4.00 -49.65
CA GLN G 582 3.83 -5.05 -50.36
C GLN G 582 2.52 -4.53 -50.93
N SER G 583 1.79 -3.73 -50.15
CA SER G 583 0.52 -3.19 -50.63
C SER G 583 0.73 -2.17 -51.74
N VAL G 584 1.78 -1.36 -51.63
CA VAL G 584 2.07 -0.39 -52.68
C VAL G 584 2.25 -1.09 -54.02
N MET G 585 2.98 -2.20 -54.03
CA MET G 585 3.18 -2.96 -55.25
C MET G 585 1.87 -3.56 -55.75
N GLY G 586 1.08 -4.11 -54.84
CA GLY G 586 -0.16 -4.77 -55.22
C GLY G 586 -1.22 -3.83 -55.77
N ALA G 587 -1.00 -2.52 -55.69
CA ALA G 587 -1.94 -1.53 -56.19
C ALA G 587 -1.49 -1.05 -57.56
N ARG G 588 -2.34 -1.24 -58.57
CA ARG G 588 -2.03 -0.76 -59.91
C ARG G 588 -1.93 0.76 -59.95
N ASN G 589 -2.61 1.45 -59.03
CA ASN G 589 -2.69 2.91 -59.03
C ASN G 589 -2.02 3.47 -57.79
N PHE G 590 -1.31 4.58 -57.96
CA PHE G 590 -0.62 5.27 -56.88
C PHE G 590 -1.04 6.73 -56.87
N VAL G 591 -1.35 7.25 -55.69
CA VAL G 591 -1.80 8.62 -55.50
C VAL G 591 -0.88 9.28 -54.47
N LEU G 592 -0.39 10.47 -54.80
CA LEU G 592 0.44 11.25 -53.91
C LEU G 592 -0.24 12.57 -53.61
N VAL G 593 -0.20 12.99 -52.35
CA VAL G 593 -0.82 14.21 -51.88
C VAL G 593 0.27 15.16 -51.42
N LEU G 594 0.28 16.37 -51.98
CA LEU G 594 1.23 17.40 -51.63
C LEU G 594 0.57 18.45 -50.75
N SER G 595 1.39 19.15 -49.96
CA SER G 595 0.90 20.08 -48.96
C SER G 595 2.09 20.76 -48.30
N PRO G 596 1.99 22.02 -47.87
CA PRO G 596 3.17 22.67 -47.29
C PRO G 596 3.70 21.89 -46.09
N GLY G 597 5.00 21.60 -46.14
CA GLY G 597 5.62 20.68 -45.22
C GLY G 597 5.54 19.23 -45.63
N ALA G 598 4.99 18.93 -46.82
CA ALA G 598 4.84 17.55 -47.24
C ALA G 598 6.19 16.85 -47.35
N LEU G 599 7.18 17.52 -47.93
CA LEU G 599 8.49 16.95 -48.15
C LEU G 599 9.58 17.64 -47.33
N ASP G 600 9.21 18.41 -46.31
CA ASP G 600 10.22 18.99 -45.44
C ASP G 600 11.01 17.90 -44.73
N LYS G 601 10.33 16.86 -44.26
CA LYS G 601 11.01 15.73 -43.63
C LYS G 601 11.68 14.83 -44.67
N CYS G 602 11.14 14.80 -45.89
CA CYS G 602 11.77 14.02 -46.96
C CYS G 602 13.13 14.58 -47.35
N MET G 603 13.42 15.84 -47.03
CA MET G 603 14.70 16.43 -47.37
C MET G 603 15.83 15.72 -46.66
N GLN G 604 16.92 15.48 -47.38
CA GLN G 604 18.13 14.89 -46.83
C GLN G 604 17.90 13.49 -46.26
N ASP G 605 16.87 12.79 -46.73
CA ASP G 605 16.61 11.42 -46.30
C ASP G 605 17.38 10.44 -47.17
N HIS G 606 18.70 10.63 -47.20
CA HIS G 606 19.55 9.77 -48.02
C HIS G 606 19.55 8.33 -47.55
N ASP G 607 19.20 8.09 -46.28
CA ASP G 607 19.17 6.74 -45.73
C ASP G 607 17.83 6.04 -45.99
N CYS G 608 16.86 6.73 -46.58
CA CYS G 608 15.55 6.14 -46.89
C CYS G 608 14.87 5.64 -45.62
N LYS G 609 14.89 6.45 -44.56
CA LYS G 609 14.18 6.12 -43.34
C LYS G 609 12.77 6.70 -43.31
N ASP G 610 12.56 7.82 -44.00
CA ASP G 610 11.22 8.40 -44.09
C ASP G 610 10.27 7.45 -44.81
N TRP G 611 9.01 7.48 -44.38
CA TRP G 611 8.00 6.60 -44.97
C TRP G 611 7.35 7.18 -46.21
N VAL G 612 7.30 8.52 -46.34
CA VAL G 612 6.81 9.11 -47.57
C VAL G 612 7.82 8.91 -48.69
N HIS G 613 9.11 9.15 -48.41
CA HIS G 613 10.15 8.89 -49.40
C HIS G 613 10.25 7.42 -49.73
N LYS G 614 10.17 6.55 -48.71
CA LYS G 614 10.33 5.12 -48.94
C LYS G 614 9.23 4.58 -49.84
N GLU G 615 7.99 5.00 -49.61
CA GLU G 615 6.87 4.45 -50.38
C GLU G 615 6.80 5.01 -51.78
N ILE G 616 7.26 6.25 -51.99
CA ILE G 616 7.21 6.84 -53.32
C ILE G 616 8.09 6.06 -54.29
N VAL G 617 9.34 5.81 -53.89
CA VAL G 617 10.29 5.16 -54.79
C VAL G 617 9.84 3.75 -55.12
N THR G 618 9.35 3.01 -54.14
CA THR G 618 8.86 1.66 -54.39
C THR G 618 7.88 1.63 -55.55
N ALA G 619 6.87 2.51 -55.49
CA ALA G 619 5.90 2.58 -56.59
C ALA G 619 6.56 3.10 -57.86
N LEU G 620 7.47 4.06 -57.73
CA LEU G 620 8.10 4.67 -58.89
C LEU G 620 8.88 3.64 -59.70
N SER G 621 9.66 2.80 -59.02
CA SER G 621 10.54 1.87 -59.73
C SER G 621 9.74 0.91 -60.60
N CYS G 622 8.63 0.38 -60.08
CA CYS G 622 7.82 -0.57 -60.82
C CYS G 622 6.90 0.09 -61.84
N GLY G 623 7.13 1.35 -62.17
CA GLY G 623 6.29 2.03 -63.14
C GLY G 623 4.84 2.10 -62.73
N LYS G 624 4.58 2.38 -61.46
CA LYS G 624 3.21 2.47 -60.98
C LYS G 624 2.55 3.75 -61.47
N ASN G 625 1.23 3.67 -61.62
CA ASN G 625 0.45 4.81 -62.13
C ASN G 625 0.35 5.87 -61.04
N ILE G 626 1.23 6.87 -61.12
CA ILE G 626 1.26 7.94 -60.13
C ILE G 626 0.33 9.05 -60.57
N VAL G 627 -0.51 9.51 -59.64
CA VAL G 627 -1.47 10.58 -59.91
C VAL G 627 -1.31 11.64 -58.82
N PRO G 628 -0.30 12.50 -58.89
CA PRO G 628 -0.10 13.48 -57.82
C PRO G 628 -1.25 14.48 -57.74
N ILE G 629 -1.46 15.01 -56.53
CA ILE G 629 -2.44 16.04 -56.27
C ILE G 629 -1.72 17.26 -55.71
N ILE G 630 -1.92 18.42 -56.32
CA ILE G 630 -1.21 19.63 -55.98
C ILE G 630 -1.99 20.41 -54.94
N ASP G 631 -1.28 21.13 -54.09
CA ASP G 631 -1.85 21.93 -53.01
C ASP G 631 -1.09 23.25 -52.89
N GLY G 632 -1.56 24.12 -52.02
CA GLY G 632 -0.91 25.40 -51.79
C GLY G 632 0.38 25.27 -51.01
N PHE G 633 1.50 25.13 -51.72
CA PHE G 633 2.81 25.03 -51.09
C PHE G 633 3.86 25.51 -52.07
N GLU G 634 5.03 25.84 -51.54
CA GLU G 634 6.14 26.30 -52.36
C GLU G 634 6.86 25.12 -52.97
N TRP G 635 7.10 25.18 -54.29
CA TRP G 635 7.81 24.12 -54.97
C TRP G 635 9.31 24.23 -54.69
N PRO G 636 9.95 23.22 -54.12
CA PRO G 636 11.40 23.27 -53.90
C PRO G 636 12.17 22.80 -55.11
N GLU G 637 13.39 23.32 -55.24
CA GLU G 637 14.24 22.94 -56.37
C GLU G 637 14.72 21.50 -56.21
N PRO G 638 14.89 20.77 -57.30
CA PRO G 638 15.16 19.33 -57.20
C PRO G 638 16.42 18.98 -56.42
N GLN G 639 17.45 19.83 -56.47
CA GLN G 639 18.74 19.43 -55.93
C GLN G 639 18.66 19.09 -54.44
N VAL G 640 17.90 19.88 -53.67
CA VAL G 640 17.78 19.62 -52.24
C VAL G 640 17.15 18.25 -52.01
N LEU G 641 16.11 17.92 -52.78
CA LEU G 641 15.42 16.65 -52.61
C LEU G 641 16.32 15.50 -53.10
N PRO G 642 16.07 14.28 -52.61
CA PRO G 642 16.87 13.14 -53.07
C PRO G 642 16.78 12.96 -54.57
N GLU G 643 17.91 12.61 -55.19
CA GLU G 643 17.95 12.45 -56.63
C GLU G 643 17.05 11.31 -57.09
N ASP G 644 17.05 10.20 -56.36
CA ASP G 644 16.26 9.04 -56.77
C ASP G 644 14.77 9.36 -56.80
N MET G 645 14.32 10.24 -55.90
CA MET G 645 12.91 10.57 -55.80
C MET G 645 12.48 11.66 -56.78
N GLN G 646 13.43 12.36 -57.40
CA GLN G 646 13.07 13.48 -58.27
C GLN G 646 12.25 13.06 -59.49
N ALA G 647 12.27 11.77 -59.85
CA ALA G 647 11.64 11.34 -61.08
C ALA G 647 10.12 11.50 -61.07
N VAL G 648 9.51 11.59 -59.88
CA VAL G 648 8.05 11.66 -59.81
C VAL G 648 7.52 13.03 -60.25
N LEU G 649 8.38 14.05 -60.28
CA LEU G 649 7.92 15.42 -60.53
C LEU G 649 7.36 15.59 -61.95
N THR G 650 7.69 14.69 -62.88
CA THR G 650 7.30 14.86 -64.27
C THR G 650 5.91 14.34 -64.57
N PHE G 651 5.20 13.78 -63.60
CA PHE G 651 3.88 13.23 -63.85
C PHE G 651 2.84 14.34 -63.97
N ASN G 652 1.73 14.00 -64.62
CA ASN G 652 0.64 14.94 -64.89
C ASN G 652 -0.24 15.03 -63.65
N GLY G 653 0.10 15.95 -62.75
CA GLY G 653 -0.66 16.12 -61.53
C GLY G 653 -1.98 16.84 -61.76
N ILE G 654 -2.86 16.72 -60.76
CA ILE G 654 -4.17 17.36 -60.76
C ILE G 654 -4.21 18.34 -59.60
N LYS G 655 -4.51 19.60 -59.91
CA LYS G 655 -4.61 20.62 -58.87
C LYS G 655 -5.95 20.53 -58.16
N TRP G 656 -5.92 20.70 -56.84
CA TRP G 656 -7.14 20.63 -56.05
C TRP G 656 -7.82 22.00 -56.03
N SER G 657 -9.10 22.02 -56.40
CA SER G 657 -9.88 23.24 -56.54
C SER G 657 -10.83 23.38 -55.36
N HIS G 658 -10.78 24.55 -54.70
CA HIS G 658 -11.66 24.79 -53.57
C HIS G 658 -13.11 25.03 -53.99
N GLU G 659 -13.35 25.42 -55.23
CA GLU G 659 -14.69 25.76 -55.70
C GLU G 659 -15.26 24.76 -56.70
N TYR G 660 -14.47 23.82 -57.20
CA TYR G 660 -14.88 22.86 -58.22
C TYR G 660 -14.56 21.44 -57.78
N GLN G 661 -14.96 21.11 -56.55
CA GLN G 661 -14.63 19.79 -55.99
C GLN G 661 -15.14 18.67 -56.88
N GLU G 662 -16.39 18.77 -57.33
CA GLU G 662 -16.93 17.73 -58.20
C GLU G 662 -16.21 17.68 -59.53
N ALA G 663 -15.67 18.81 -59.99
CA ALA G 663 -14.92 18.81 -61.25
C ALA G 663 -13.68 17.93 -61.15
N THR G 664 -12.95 18.02 -60.03
CA THR G 664 -11.73 17.24 -59.89
C THR G 664 -12.01 15.75 -59.82
N ILE G 665 -13.16 15.35 -59.28
CA ILE G 665 -13.47 13.93 -59.16
C ILE G 665 -13.55 13.28 -60.54
N GLU G 666 -14.16 13.97 -61.51
CA GLU G 666 -14.20 13.45 -62.87
C GLU G 666 -12.79 13.34 -63.44
N LYS G 667 -11.97 14.35 -63.23
CA LYS G 667 -10.62 14.35 -63.79
C LYS G 667 -9.76 13.23 -63.19
N ILE G 668 -9.82 13.08 -61.86
CA ILE G 668 -8.99 12.07 -61.21
C ILE G 668 -9.49 10.67 -61.54
N ILE G 669 -10.80 10.45 -61.45
CA ILE G 669 -11.33 9.11 -61.68
C ILE G 669 -11.23 8.71 -63.14
N ARG G 670 -11.07 9.66 -64.05
CA ARG G 670 -10.84 9.31 -65.45
C ARG G 670 -9.42 8.80 -65.66
N PHE G 671 -8.47 9.25 -64.83
CA PHE G 671 -7.12 8.71 -64.90
C PHE G 671 -7.09 7.24 -64.54
N LEU G 672 -7.89 6.84 -63.55
CA LEU G 672 -7.98 5.44 -63.18
C LEU G 672 -8.69 4.65 -64.27
N GLN G 673 -8.60 3.32 -64.17
CA GLN G 673 -9.22 2.43 -65.14
C GLN G 673 -10.74 2.65 -65.19
N THR H 534 -35.87 23.49 -45.60
CA THR H 534 -34.49 24.06 -45.52
C THR H 534 -33.47 22.97 -45.24
N PRO H 535 -32.20 23.24 -45.51
CA PRO H 535 -31.16 22.23 -45.25
C PRO H 535 -31.12 21.85 -43.78
N ASP H 536 -30.89 20.56 -43.53
CA ASP H 536 -30.77 20.08 -42.16
C ASP H 536 -29.55 20.67 -41.46
N VAL H 537 -28.42 20.77 -42.15
CA VAL H 537 -27.16 21.15 -41.56
C VAL H 537 -26.59 22.33 -42.31
N PHE H 538 -26.23 23.38 -41.59
CA PHE H 538 -25.49 24.51 -42.13
C PHE H 538 -24.08 24.47 -41.55
N ILE H 539 -23.07 24.62 -42.39
CA ILE H 539 -21.67 24.50 -42.00
C ILE H 539 -21.03 25.88 -42.01
N SER H 540 -20.42 26.26 -40.90
CA SER H 540 -19.65 27.50 -40.80
C SER H 540 -18.19 27.15 -40.57
N TYR H 541 -17.32 27.67 -41.44
CA TYR H 541 -15.91 27.32 -41.38
C TYR H 541 -15.09 28.54 -41.78
N ARG H 542 -13.81 28.50 -41.40
CA ARG H 542 -12.87 29.55 -41.78
C ARG H 542 -12.34 29.27 -43.18
N ARG H 543 -12.30 30.31 -44.02
CA ARG H 543 -11.93 30.11 -45.41
C ARG H 543 -10.52 29.57 -45.58
N ASN H 544 -9.56 30.07 -44.79
CA ASN H 544 -8.16 29.74 -44.93
C ASN H 544 -7.70 28.76 -43.85
N SER H 545 -8.55 27.81 -43.48
CA SER H 545 -8.18 26.83 -42.46
C SER H 545 -9.08 25.61 -42.53
N GLY H 546 -10.35 25.78 -42.21
CA GLY H 546 -11.31 24.70 -42.18
C GLY H 546 -11.93 24.34 -43.50
N SER H 547 -11.49 24.99 -44.59
CA SER H 547 -12.05 24.68 -45.90
C SER H 547 -11.94 23.20 -46.20
N GLN H 548 -10.87 22.56 -45.76
CA GLN H 548 -10.65 21.15 -46.09
C GLN H 548 -11.42 20.23 -45.15
N LEU H 549 -11.44 20.56 -43.85
CA LEU H 549 -12.24 19.79 -42.91
C LEU H 549 -13.72 19.91 -43.24
N ALA H 550 -14.18 21.13 -43.53
CA ALA H 550 -15.60 21.33 -43.81
C ALA H 550 -16.04 20.54 -45.04
N SER H 551 -15.25 20.59 -46.11
CA SER H 551 -15.58 19.82 -47.30
C SER H 551 -15.57 18.32 -47.02
N LEU H 552 -14.57 17.85 -46.27
CA LEU H 552 -14.59 16.48 -45.80
C LEU H 552 -15.77 16.23 -44.89
N LEU H 553 -16.15 17.24 -44.09
CA LEU H 553 -17.28 17.09 -43.18
C LEU H 553 -18.61 17.17 -43.90
N LYS H 554 -18.71 18.04 -44.91
CA LYS H 554 -19.99 18.23 -45.60
C LYS H 554 -20.42 16.96 -46.31
N VAL H 555 -19.48 16.28 -46.98
CA VAL H 555 -19.85 15.10 -47.77
C VAL H 555 -20.40 14.00 -46.88
N HIS H 556 -19.75 13.74 -45.74
CA HIS H 556 -20.15 12.59 -44.93
C HIS H 556 -21.60 12.66 -44.51
N LEU H 557 -22.07 13.85 -44.11
CA LEU H 557 -23.45 13.97 -43.67
C LEU H 557 -24.43 13.65 -44.79
N GLN H 558 -24.18 14.17 -46.00
CA GLN H 558 -25.11 13.95 -47.10
C GLN H 558 -25.29 12.47 -47.41
N LEU H 559 -24.22 11.67 -47.26
CA LEU H 559 -24.36 10.23 -47.45
C LEU H 559 -25.33 9.62 -46.46
N HIS H 560 -25.63 10.30 -45.36
CA HIS H 560 -26.52 9.79 -44.33
C HIS H 560 -27.88 10.47 -44.34
N GLY H 561 -28.29 11.03 -45.48
CA GLY H 561 -29.59 11.63 -45.62
C GLY H 561 -29.70 13.05 -45.09
N PHE H 562 -28.64 13.61 -44.54
CA PHE H 562 -28.66 14.95 -43.99
C PHE H 562 -28.33 15.95 -45.09
N SER H 563 -29.35 16.63 -45.60
CA SER H 563 -29.11 17.70 -46.56
C SER H 563 -28.23 18.77 -45.92
N VAL H 564 -27.18 19.17 -46.64
CA VAL H 564 -26.18 20.09 -46.12
C VAL H 564 -26.11 21.31 -47.02
N PHE H 565 -25.94 22.48 -46.39
CA PHE H 565 -25.66 23.72 -47.10
C PHE H 565 -24.19 24.07 -46.92
N ILE H 566 -23.58 24.64 -47.96
CA ILE H 566 -22.23 25.16 -47.89
C ILE H 566 -22.06 26.23 -48.97
N ASP H 567 -21.22 27.23 -48.67
CA ASP H 567 -21.18 28.42 -49.50
C ASP H 567 -20.73 28.11 -50.92
N VAL H 568 -19.67 27.31 -51.08
CA VAL H 568 -19.09 27.07 -52.40
C VAL H 568 -20.03 26.35 -53.35
N GLU H 569 -21.20 25.91 -52.87
CA GLU H 569 -22.16 25.22 -53.73
C GLU H 569 -23.44 25.99 -53.97
N LYS H 570 -23.80 26.93 -53.10
CA LYS H 570 -25.07 27.65 -53.22
C LYS H 570 -24.90 29.08 -52.68
N LEU H 571 -24.09 29.88 -53.36
CA LEU H 571 -23.88 31.28 -52.98
C LEU H 571 -23.64 32.08 -54.26
N GLU H 572 -24.63 32.88 -54.65
CA GLU H 572 -24.53 33.63 -55.91
C GLU H 572 -25.52 34.79 -55.84
N ALA H 573 -26.02 35.22 -57.00
CA ALA H 573 -27.07 36.22 -57.12
C ALA H 573 -26.63 37.61 -56.69
N GLY H 574 -25.33 37.89 -56.68
CA GLY H 574 -24.86 39.22 -56.37
C GLY H 574 -25.09 39.61 -54.92
N LYS H 575 -26.36 39.77 -54.55
CA LYS H 575 -26.73 40.10 -53.17
C LYS H 575 -26.72 38.80 -52.38
N PHE H 576 -25.56 38.50 -51.77
CA PHE H 576 -25.36 37.23 -51.10
C PHE H 576 -25.59 37.30 -49.59
N GLU H 577 -25.60 38.50 -49.00
CA GLU H 577 -25.76 38.60 -47.56
C GLU H 577 -27.12 38.06 -47.11
N ASP H 578 -28.15 38.41 -47.88
CA ASP H 578 -29.58 38.30 -47.48
C ASP H 578 -30.05 36.87 -47.72
N LYS H 579 -29.21 36.02 -48.36
CA LYS H 579 -29.44 34.55 -48.49
C LYS H 579 -28.63 33.80 -47.42
N LEU H 580 -27.36 34.17 -47.16
CA LEU H 580 -26.45 33.35 -46.29
C LEU H 580 -26.85 33.55 -44.82
N ILE H 581 -27.35 34.73 -44.45
CA ILE H 581 -27.91 35.00 -43.13
C ILE H 581 -29.26 34.28 -42.98
N GLN H 582 -30.08 34.24 -44.04
CA GLN H 582 -31.39 33.52 -44.02
C GLN H 582 -31.19 32.06 -44.49
N SER H 583 -29.95 31.55 -44.51
CA SER H 583 -29.58 30.12 -44.73
C SER H 583 -29.23 29.46 -43.37
N VAL H 584 -28.75 30.24 -42.40
CA VAL H 584 -28.35 29.73 -41.04
C VAL H 584 -29.59 29.79 -40.13
N MET H 585 -30.54 30.71 -40.39
CA MET H 585 -31.84 30.71 -39.71
C MET H 585 -32.68 29.52 -40.15
N GLY H 586 -32.71 29.23 -41.45
CA GLY H 586 -33.52 28.13 -41.93
C GLY H 586 -33.07 26.78 -41.41
N ALA H 587 -31.77 26.53 -41.42
CA ALA H 587 -31.23 25.27 -40.94
C ALA H 587 -31.12 25.29 -39.42
N ARG H 588 -31.69 24.27 -38.76
CA ARG H 588 -31.72 24.27 -37.30
C ARG H 588 -30.33 23.98 -36.73
N ASN H 589 -29.57 23.08 -37.37
CA ASN H 589 -28.25 22.73 -36.89
C ASN H 589 -27.23 23.73 -37.40
N PHE H 590 -26.38 24.22 -36.50
CA PHE H 590 -25.28 25.11 -36.85
C PHE H 590 -23.97 24.44 -36.44
N VAL H 591 -23.04 24.34 -37.38
CA VAL H 591 -21.75 23.71 -37.15
C VAL H 591 -20.68 24.78 -37.24
N LEU H 592 -19.82 24.83 -36.24
CA LEU H 592 -18.74 25.83 -36.16
C LEU H 592 -17.41 25.08 -36.21
N VAL H 593 -16.89 24.89 -37.40
CA VAL H 593 -15.62 24.17 -37.58
C VAL H 593 -14.50 25.01 -36.98
N LEU H 594 -14.06 24.65 -35.77
CA LEU H 594 -13.00 25.38 -35.08
C LEU H 594 -11.65 24.77 -35.45
N SER H 595 -11.18 25.13 -36.64
CA SER H 595 -9.83 24.80 -37.03
C SER H 595 -8.84 25.70 -36.27
N PRO H 596 -7.57 25.30 -36.19
CA PRO H 596 -6.62 26.03 -35.35
C PRO H 596 -6.63 27.53 -35.61
N GLY H 597 -6.97 28.31 -34.58
CA GLY H 597 -6.98 29.76 -34.70
C GLY H 597 -8.02 30.30 -35.65
N ALA H 598 -9.25 29.79 -35.59
CA ALA H 598 -10.32 30.28 -36.47
C ALA H 598 -10.94 31.57 -35.97
N LEU H 599 -10.70 31.95 -34.71
CA LEU H 599 -11.22 33.18 -34.14
C LEU H 599 -10.15 34.28 -34.07
N ASP H 600 -9.01 34.09 -34.75
CA ASP H 600 -7.90 35.01 -34.59
C ASP H 600 -8.27 36.43 -35.02
N LYS H 601 -8.94 36.57 -36.18
CA LYS H 601 -9.30 37.88 -36.70
C LYS H 601 -10.68 38.34 -36.24
N CYS H 602 -11.04 38.07 -34.99
CA CYS H 602 -12.34 38.45 -34.45
C CYS H 602 -12.26 39.33 -33.22
N MET H 603 -11.12 39.38 -32.53
CA MET H 603 -11.02 40.17 -31.31
C MET H 603 -11.19 41.65 -31.62
N GLN H 604 -11.85 42.37 -30.72
CA GLN H 604 -12.06 43.81 -30.84
C GLN H 604 -12.85 44.17 -32.10
N ASP H 605 -13.64 43.23 -32.61
CA ASP H 605 -14.49 43.47 -33.76
C ASP H 605 -15.86 43.99 -33.31
N HIS H 606 -15.83 45.14 -32.65
CA HIS H 606 -17.07 45.73 -32.14
C HIS H 606 -18.08 45.95 -33.25
N ASP H 607 -17.60 46.39 -34.42
CA ASP H 607 -18.48 46.58 -35.56
C ASP H 607 -19.07 45.26 -36.05
N CYS H 608 -18.48 44.13 -35.65
CA CYS H 608 -18.94 42.82 -36.08
C CYS H 608 -18.86 42.69 -37.61
N LYS H 609 -17.79 43.26 -38.18
CA LYS H 609 -17.62 43.18 -39.63
C LYS H 609 -17.17 41.80 -40.07
N ASP H 610 -16.45 41.08 -39.21
CA ASP H 610 -15.97 39.75 -39.58
C ASP H 610 -17.15 38.84 -39.94
N TRP H 611 -17.03 38.14 -41.06
CA TRP H 611 -18.12 37.29 -41.52
C TRP H 611 -18.34 36.12 -40.58
N VAL H 612 -17.26 35.49 -40.11
CA VAL H 612 -17.41 34.34 -39.22
C VAL H 612 -18.16 34.74 -37.95
N HIS H 613 -17.89 35.94 -37.43
CA HIS H 613 -18.60 36.43 -36.26
C HIS H 613 -20.09 36.56 -36.53
N LYS H 614 -20.46 37.00 -37.73
CA LYS H 614 -21.88 37.25 -38.01
C LYS H 614 -22.70 35.97 -37.98
N GLU H 615 -22.18 34.87 -38.56
CA GLU H 615 -22.99 33.66 -38.67
C GLU H 615 -23.34 33.09 -37.31
N ILE H 616 -22.37 33.06 -36.38
CA ILE H 616 -22.64 32.50 -35.06
C ILE H 616 -23.67 33.35 -34.33
N VAL H 617 -23.62 34.67 -34.51
CA VAL H 617 -24.53 35.56 -33.81
C VAL H 617 -25.97 35.20 -34.11
N THR H 618 -26.28 34.94 -35.39
CA THR H 618 -27.63 34.51 -35.75
C THR H 618 -27.96 33.16 -35.15
N ALA H 619 -26.95 32.35 -34.84
CA ALA H 619 -27.20 31.08 -34.17
C ALA H 619 -27.52 31.29 -32.70
N LEU H 620 -26.80 32.20 -32.04
CA LEU H 620 -27.07 32.50 -30.65
C LEU H 620 -28.34 33.32 -30.49
N SER H 621 -28.54 34.32 -31.36
CA SER H 621 -29.76 35.12 -31.29
C SER H 621 -30.99 34.28 -31.58
N CYS H 622 -30.90 33.38 -32.55
CA CYS H 622 -32.02 32.49 -32.88
C CYS H 622 -32.04 31.23 -32.02
N GLY H 623 -31.02 31.02 -31.17
CA GLY H 623 -31.00 29.85 -30.33
C GLY H 623 -30.91 28.55 -31.09
N LYS H 624 -29.97 28.46 -32.02
CA LYS H 624 -29.82 27.27 -32.84
C LYS H 624 -29.09 26.17 -32.07
N ASN H 625 -28.98 25.01 -32.73
CA ASN H 625 -28.33 23.82 -32.15
C ASN H 625 -26.88 23.79 -32.63
N ILE H 626 -26.00 24.43 -31.86
CA ILE H 626 -24.60 24.53 -32.26
C ILE H 626 -23.87 23.24 -31.89
N VAL H 627 -23.11 22.71 -32.84
CA VAL H 627 -22.35 21.48 -32.65
C VAL H 627 -20.90 21.73 -33.06
N PRO H 628 -20.08 22.37 -32.22
CA PRO H 628 -18.70 22.62 -32.62
C PRO H 628 -17.93 21.34 -32.88
N ILE H 629 -17.07 21.38 -33.89
CA ILE H 629 -16.14 20.30 -34.20
C ILE H 629 -14.74 20.84 -34.00
N ILE H 630 -13.97 20.18 -33.14
CA ILE H 630 -12.66 20.68 -32.73
C ILE H 630 -11.57 19.91 -33.45
N ASP H 631 -10.66 20.63 -34.09
CA ASP H 631 -9.51 20.04 -34.78
C ASP H 631 -8.28 20.86 -34.40
N GLY H 632 -7.64 20.47 -33.30
CA GLY H 632 -6.42 21.11 -32.85
C GLY H 632 -6.63 22.43 -32.13
N PHE H 633 -7.86 22.88 -31.94
CA PHE H 633 -8.11 24.17 -31.34
C PHE H 633 -7.65 24.20 -29.89
N GLU H 634 -7.22 25.39 -29.45
CA GLU H 634 -6.93 25.66 -28.06
C GLU H 634 -7.87 26.75 -27.57
N TRP H 635 -8.59 26.47 -26.49
CA TRP H 635 -9.69 27.34 -26.07
C TRP H 635 -9.15 28.54 -25.29
N PRO H 636 -9.30 29.75 -25.82
CA PRO H 636 -8.91 30.93 -25.03
C PRO H 636 -9.88 31.17 -23.89
N GLU H 637 -9.39 31.92 -22.90
CA GLU H 637 -10.23 32.24 -21.76
C GLU H 637 -11.39 33.13 -22.21
N PRO H 638 -12.55 33.02 -21.56
CA PRO H 638 -13.71 33.82 -22.01
C PRO H 638 -13.43 35.31 -22.06
N GLN H 639 -12.65 35.83 -21.11
CA GLN H 639 -12.39 37.26 -21.09
C GLN H 639 -11.61 37.73 -22.32
N VAL H 640 -10.92 36.82 -23.00
CA VAL H 640 -10.14 37.19 -24.18
C VAL H 640 -11.06 37.70 -25.27
N LEU H 641 -11.91 36.83 -25.79
CA LEU H 641 -12.79 37.18 -26.89
C LEU H 641 -13.85 38.17 -26.41
N PRO H 642 -14.44 38.94 -27.32
CA PRO H 642 -15.46 39.91 -26.91
C PRO H 642 -16.65 39.23 -26.25
N GLU H 643 -17.26 39.95 -25.31
CA GLU H 643 -18.37 39.39 -24.54
C GLU H 643 -19.55 38.99 -25.42
N ASP H 644 -19.70 39.62 -26.59
CA ASP H 644 -20.88 39.35 -27.41
C ASP H 644 -20.95 37.89 -27.84
N MET H 645 -19.81 37.32 -28.26
CA MET H 645 -19.77 36.00 -28.86
C MET H 645 -19.33 34.91 -27.88
N GLN H 646 -19.32 35.20 -26.59
CA GLN H 646 -18.84 34.23 -25.60
C GLN H 646 -19.73 32.99 -25.51
N ALA H 647 -20.93 33.01 -26.07
CA ALA H 647 -21.83 31.89 -25.90
C ALA H 647 -21.26 30.62 -26.52
N VAL H 648 -20.65 30.73 -27.69
CA VAL H 648 -20.22 29.55 -28.44
C VAL H 648 -19.23 28.71 -27.65
N LEU H 649 -18.46 29.35 -26.76
CA LEU H 649 -17.49 28.62 -25.95
C LEU H 649 -18.15 27.65 -24.97
N THR H 650 -19.47 27.76 -24.76
CA THR H 650 -20.17 27.01 -23.74
C THR H 650 -20.97 25.84 -24.31
N PHE H 651 -20.69 25.44 -25.55
CA PHE H 651 -21.38 24.34 -26.20
C PHE H 651 -20.47 23.12 -26.26
N ASN H 652 -21.00 21.96 -25.88
CA ASN H 652 -20.23 20.73 -25.96
C ASN H 652 -19.77 20.49 -27.40
N GLY H 653 -18.52 20.09 -27.55
CA GLY H 653 -17.93 19.91 -28.86
C GLY H 653 -17.39 18.52 -29.11
N ILE H 654 -17.21 18.17 -30.37
CA ILE H 654 -16.76 16.84 -30.78
C ILE H 654 -15.33 16.95 -31.28
N LYS H 655 -14.47 16.06 -30.82
CA LYS H 655 -13.08 16.00 -31.25
C LYS H 655 -12.97 15.08 -32.45
N TRP H 656 -12.53 15.62 -33.58
CA TRP H 656 -12.43 14.84 -34.81
C TRP H 656 -11.22 13.91 -34.72
N SER H 657 -11.47 12.61 -34.83
CA SER H 657 -10.43 11.59 -34.69
C SER H 657 -10.06 11.02 -36.05
N HIS H 658 -8.78 11.11 -36.43
CA HIS H 658 -8.28 10.67 -37.76
C HIS H 658 -8.10 9.16 -37.82
N GLU H 659 -7.89 8.48 -36.67
CA GLU H 659 -7.64 7.01 -36.61
C GLU H 659 -8.99 6.27 -36.48
N TYR H 660 -9.91 6.75 -35.63
CA TYR H 660 -11.24 6.14 -35.41
C TYR H 660 -12.31 6.99 -36.09
N GLN H 661 -12.24 7.22 -37.41
CA GLN H 661 -13.18 8.10 -38.15
C GLN H 661 -14.59 7.49 -38.18
N GLU H 662 -14.73 6.16 -38.11
CA GLU H 662 -16.06 5.46 -38.17
C GLU H 662 -16.89 5.87 -36.94
N ALA H 663 -16.32 5.81 -35.74
CA ALA H 663 -17.00 6.16 -34.50
C ALA H 663 -17.22 7.67 -34.39
N THR H 664 -16.29 8.46 -34.91
CA THR H 664 -16.46 9.91 -34.91
C THR H 664 -17.67 10.33 -35.74
N ILE H 665 -17.95 9.60 -36.82
CA ILE H 665 -19.09 9.95 -37.66
C ILE H 665 -20.39 9.67 -36.91
N GLU H 666 -20.43 8.60 -36.13
CA GLU H 666 -21.62 8.29 -35.35
C GLU H 666 -21.92 9.39 -34.33
N LYS H 667 -20.89 9.79 -33.56
CA LYS H 667 -21.11 10.76 -32.50
C LYS H 667 -21.66 12.07 -33.05
N ILE H 668 -21.22 12.47 -34.24
CA ILE H 668 -21.77 13.66 -34.87
C ILE H 668 -23.24 13.46 -35.19
N ILE H 669 -23.60 12.27 -35.68
CA ILE H 669 -24.99 11.99 -36.04
C ILE H 669 -25.88 12.12 -34.81
N ARG H 670 -25.47 11.52 -33.70
CA ARG H 670 -26.27 11.57 -32.48
C ARG H 670 -26.50 13.01 -32.03
N PHE H 671 -25.50 13.88 -32.22
CA PHE H 671 -25.63 15.27 -31.80
C PHE H 671 -26.56 16.05 -32.73
N LEU H 672 -26.43 15.84 -34.04
CA LEU H 672 -27.22 16.59 -35.00
C LEU H 672 -28.69 16.24 -34.89
N GLN H 673 -29.54 17.27 -35.01
CA GLN H 673 -30.98 17.07 -35.05
C GLN H 673 -31.49 17.20 -36.49
O10 1QD I . -1.79 8.64 10.51
C13 1QD I . -4.65 7.91 7.46
C15 1QD I . -4.19 9.26 5.61
C16 1QD I . -5.55 8.58 5.42
C19 1QD I . -6.58 10.87 5.65
C01 1QD I . -8.07 6.90 14.16
C02 1QD I . -8.07 5.37 14.30
C03 1QD I . -6.66 5.02 14.77
C04 1QD I . -5.98 6.36 15.01
C05 1QD I . -4.59 6.34 14.42
C12 1QD I . -5.14 7.85 8.88
C14 1QD I . -4.09 9.29 7.12
C21 1QD I . -8.63 10.40 5.02
C22 1QD I . -7.91 9.26 4.95
C24 1QD I . -9.80 8.08 4.21
C26 1QD I . -10.02 10.34 4.65
C37 1QD I . -7.92 8.31 12.10
C38 1QD I . -8.29 8.73 10.78
C39 1QD I . -9.31 8.04 10.14
C40 1QD I . -9.94 6.95 10.81
C41 1QD I . -9.52 6.61 12.11
C42 1QD I . -9.70 8.42 8.82
C43 1QD I . -9.06 9.48 8.19
C44 1QD I . -8.04 10.18 8.84
C45 1QD I . -7.65 9.81 10.14
I46 1QD I . -11.25 7.36 7.85
N18 1QD I . -6.64 9.55 5.35
N20 1QD I . -7.78 11.40 5.46
N23 1QD I . -8.52 8.07 4.55
N25 1QD I . -10.55 9.18 4.26
N27 1QD I . -10.85 11.55 4.70
N36 1QD I . -8.53 7.30 12.70
O06 1QD I . -4.13 7.71 14.37
O08 1QD I . -3.81 8.84 12.05
O11 1QD I . -4.02 7.57 9.74
O17 1QD I . -5.75 7.71 6.53
O28 1QD I . -3.14 8.45 5.09
O29 1QD I . -2.74 9.43 7.54
O30 1QD I . -3.65 10.10 9.91
O31 1QD I . -2.07 9.05 13.84
O32 1QD I . -2.37 6.90 12.77
O33 1QD I . -6.76 7.37 14.35
O34 1QD I . -6.73 4.29 15.98
O35 1QD I . -9.01 4.96 15.28
P07 1QD I . -3.06 8.12 13.26
P09 1QD I . -3.30 8.82 10.54
H131 1QD I . -3.87 7.15 7.29
H151 1QD I . -4.16 10.29 5.17
H161 1QD I . -5.53 7.92 4.39
H011 1QD I . -8.73 7.32 14.90
H021 1QD I . -8.29 4.85 13.26
H031 1QD I . -6.06 4.38 13.90
H041 1QD I . -5.93 6.57 16.08
H141 1QD I . -4.80 10.18 7.59
O10 1QD J . -8.98 20.27 -17.39
C13 1QD J . -10.84 19.94 -21.50
C15 1QD J . -10.37 21.76 -22.88
C16 1QD J . -11.47 20.91 -23.51
C19 1QD J . -13.04 22.84 -23.18
C01 1QD J . -16.29 17.22 -15.97
C02 1QD J . -16.30 15.69 -16.12
C03 1QD J . -14.83 15.32 -16.02
C04 1QD J . -14.24 16.43 -15.15
C05 1QD J . -12.83 16.71 -15.58
C12 1QD J . -11.49 19.44 -20.25
C14 1QD J . -10.55 21.44 -21.40
C21 1QD J . -14.71 22.17 -24.43
C22 1QD J . -13.74 21.22 -24.48
C24 1QD J . -15.05 19.90 -25.92
C26 1QD J . -15.92 21.93 -25.18
C37 1QD J . -15.65 19.05 -17.55
C38 1QD J . -15.67 19.76 -18.81
C39 1QD J . -16.45 19.27 -19.83
C40 1QD J . -17.20 18.07 -19.61
C41 1QD J . -17.13 17.44 -18.36
C42 1QD J . -16.48 19.95 -21.08
C43 1QD J . -15.73 21.12 -21.26
C44 1QD J . -14.94 21.62 -20.22
C45 1QD J . -14.90 20.95 -18.98
I46 1QD J . -17.65 19.21 -22.67
N18 1QD J . -12.71 21.65 -23.71
N20 1QD J . -14.26 23.17 -23.61
N23 1QD J . -13.92 20.07 -25.24
N25 1QD J . -16.03 20.79 -25.90
N27 1QD J . -17.00 22.90 -25.16
N36 1QD J . -16.36 17.94 -17.38
O06 1QD J . -12.55 18.09 -15.32
O08 1QD J . -11.43 19.84 -16.88
O11 1QD J . -10.46 19.23 -19.26
O17 1QD J . -11.72 19.82 -22.64
O28 1QD J . -9.08 21.32 -23.32
O29 1QD J . -9.35 21.69 -20.68
O30 1QD J . -10.69 21.65 -18.45
O31 1QD J . -10.45 19.32 -14.64
O32 1QD J . -10.30 17.64 -16.37
O33 1QD J . -15.07 17.59 -15.35
O34 1QD J . -14.67 14.06 -15.36
O35 1QD J . -17.03 15.09 -15.06
P07 1QD J . -11.15 18.71 -15.79
P09 1QD J . -10.37 20.28 -17.99
H131 1QD J . -9.90 19.39 -21.70
H151 1QD J . -10.50 22.85 -23.09
H161 1QD J . -11.08 20.47 -24.59
H011 1QD J . -17.11 17.53 -15.36
H021 1QD J . -16.74 15.36 -17.17
H031 1QD J . -14.29 15.31 -17.13
H041 1QD J . -14.26 16.13 -14.10
H141 1QD J . -11.50 22.05 -20.93
O10 1QD K . 10.63 3.74 39.41
C13 1QD K . 7.51 1.28 36.77
C15 1QD K . 7.31 1.86 34.52
C16 1QD K . 5.97 1.35 35.04
C19 1QD K . 5.10 3.72 35.20
C01 1QD K . 5.36 1.67 43.95
C02 1QD K . 5.60 0.27 44.51
C03 1QD K . 7.05 0.30 44.96
C04 1QD K . 7.67 1.31 44.01
C05 1QD K . 8.17 0.62 42.78
C12 1QD K . 7.51 1.83 38.18
C14 1QD K . 7.97 2.36 35.79
C21 1QD K . 2.98 3.34 34.83
C22 1QD K . 3.62 2.15 34.78
C24 1QD K . 1.61 1.02 34.35
C26 1QD K . 1.55 3.32 34.61
C37 1QD K . 4.79 2.59 41.71
C38 1QD K . 4.07 2.64 40.48
C39 1QD K . 3.09 1.70 40.22
C40 1QD K . 2.82 0.70 41.22
C41 1QD K . 3.57 0.72 42.41
C42 1QD K . 2.38 1.76 38.97
C43 1QD K . 2.68 2.75 38.04
C44 1QD K . 3.67 3.70 38.31
C45 1QD K . 4.37 3.66 39.52
I46 1QD K . 0.87 0.37 38.49
N18 1QD K . 4.94 2.39 35.01
N20 1QD K . 3.92 4.30 35.09
N23 1QD K . 2.92 0.98 34.54
N25 1QD K . 0.92 2.16 34.37
N27 1QD K . 0.79 4.57 34.65
N36 1QD K . 4.51 1.65 42.61
O06 1QD K . 9.59 0.88 42.67
O08 1QD K . 8.93 2.84 41.10
O11 1QD K . 8.87 2.01 38.60
O17 1QD K . 6.17 0.91 36.37
O28 1QD K . 8.05 0.80 33.95
O29 1QD K . 9.38 2.36 35.66
O30 1QD K . 8.28 4.39 39.24
O31 1QD K . 10.35 3.23 43.14
O32 1QD K . 11.30 2.04 41.27
O33 1QD K . 6.62 2.25 43.68
O34 1QD K . 7.14 0.76 46.31
O35 1QD K . 4.77 0.05 45.64
P07 1QD K . 10.07 2.26 42.06
P09 1QD K . 9.18 3.28 39.59
H131 1QD K . 8.18 0.40 36.71
H151 1QD K . 7.16 2.71 33.78
H161 1QD K . 5.60 0.40 34.36
H011 1QD K . 4.85 2.27 44.70
H021 1QD K . 5.42 -0.56 43.67
H031 1QD K . 7.58 -0.80 44.82
H041 1QD K . 8.49 1.84 44.51
H141 1QD K . 7.55 3.47 36.12
O10 1QD L . 17.42 -11.61 17.47
C13 1QD L . 17.36 -13.63 21.73
C15 1QD L . 19.25 -13.48 23.13
C16 1QD L . 18.28 -14.54 23.67
C19 1QD L . 20.04 -16.29 23.20
C01 1QD L . 14.73 -18.60 15.71
C02 1QD L . 13.20 -18.63 15.77
C03 1QD L . 12.76 -17.22 15.40
C04 1QD L . 14.00 -16.58 14.80
C05 1QD L . 14.15 -15.18 15.35
C12 1QD L . 16.84 -14.14 20.41
C14 1QD L . 18.86 -13.40 21.65
C21 1QD L . 19.20 -17.96 24.34
C22 1QD L . 18.36 -16.91 24.48
C24 1QD L . 16.92 -18.18 25.83
C26 1QD L . 18.84 -19.20 25.00
C37 1QD L . 16.37 -18.04 17.50
C38 1QD L . 16.97 -18.18 18.79
C39 1QD L . 16.48 -19.13 19.65
C40 1QD L . 15.37 -19.94 19.24
C41 1QD L . 14.84 -19.73 17.96
C42 1QD L . 17.04 -19.29 20.95
C43 1QD L . 18.13 -18.50 21.34
C44 1QD L . 18.65 -17.53 20.46
C45 1QD L . 18.08 -17.36 19.18
I46 1QD L . 16.27 -20.75 22.26
N18 1QD L . 18.89 -15.87 23.78
N20 1QD L . 20.24 -17.54 23.55
N23 1QD L . 17.20 -17.02 25.23
N25 1QD L . 17.72 -19.25 25.73
N27 1QD L . 19.71 -20.36 24.90
N36 1QD L . 15.35 -18.81 17.15
O06 1QD L . 15.29 -15.19 16.23
O08 1QD L . 17.46 -14.15 17.23
O11 1QD L . 16.67 -13.03 19.51
O17 1QD L . 17.17 -14.60 22.78
O28 1QD L . 19.00 -12.22 23.76
O29 1QD L . 19.16 -12.10 21.13
O30 1QD L . 19.07 -12.92 18.70
O31 1QD L . 17.18 -14.51 14.77
O32 1QD L . 15.87 -12.79 15.83
O33 1QD L . 15.15 -17.36 15.21
O34 1QD L . 11.72 -17.30 14.43
O35 1QD L . 12.67 -19.56 14.82
P07 1QD L . 16.45 -14.14 15.99
P09 1QD L . 17.68 -12.92 18.22
H131 1QD L . 16.85 -12.68 22.00
H151 1QD L . 20.32 -13.78 23.25
H161 1QD L . 17.87 -14.19 24.77
H011 1QD L . 15.08 -19.38 15.04
H021 1QD L . 12.82 -18.91 16.87
H031 1QD L . 12.38 -16.61 16.41
H041 1QD L . 13.93 -16.56 13.71
H141 1QD L . 19.41 -14.28 21.01
O10 1QD M . 8.91 -2.93 -10.88
C13 1QD M . 7.25 -5.48 -7.49
C15 1QD M . 8.62 -5.45 -5.61
C16 1QD M . 7.69 -6.67 -5.55
C19 1QD M . 9.74 -8.11 -5.81
C01 1QD M . 6.08 -9.08 -14.48
C02 1QD M . 4.58 -8.98 -14.75
C03 1QD M . 4.34 -7.52 -15.09
C04 1QD M . 5.72 -6.96 -15.34
C05 1QD M . 5.83 -5.58 -14.76
C12 1QD M . 7.11 -5.78 -8.96
C14 1QD M . 8.70 -5.22 -7.11
C21 1QD M . 8.89 -10.05 -5.21
C22 1QD M . 7.92 -9.12 -5.12
C24 1QD M . 6.39 -10.75 -4.39
C26 1QD M . 8.57 -11.41 -4.84
C37 1QD M . 7.49 -9.03 -12.43
C38 1QD M . 7.84 -9.36 -11.08
C39 1QD M . 6.99 -10.20 -10.37
C40 1QD M . 5.82 -10.70 -11.01
C41 1QD M . 5.54 -10.33 -12.33
C42 1QD M . 7.32 -10.55 -9.02
C43 1QD M . 8.48 -10.04 -8.43
C44 1QD M . 9.33 -9.20 -9.16
C45 1QD M . 9.02 -8.85 -10.48
I46 1QD M . 6.05 -11.82 -7.93
N18 1QD M . 8.44 -7.92 -5.50
N20 1QD M . 10.03 -9.40 -5.64
N23 1QD M . 6.64 -9.49 -4.70
N25 1QD M . 7.32 -11.70 -4.45
N27 1QD M . 9.58 -12.46 -4.91
N36 1QD M . 6.39 -9.51 -12.99
O06 1QD M . 7.23 -5.34 -14.47
O08 1QD M . 8.26 -5.06 -12.10
O11 1QD M . 7.27 -4.55 -9.70
O17 1QD M . 6.87 -6.64 -6.70
O28 1QD M . 8.00 -4.32 -5.00
O29 1QD M . 9.09 -3.87 -7.38
O30 1QD M . 9.73 -5.10 -10.09
O31 1QD M . 8.52 -3.29 -13.86
O32 1QD M . 6.35 -3.63 -12.88
O33 1QD M . 6.67 -7.82 -14.70
O34 1QD M . 3.53 -7.42 -16.26
O35 1QD M . 4.23 -9.77 -15.89
P07 1QD M . 7.58 -4.29 -13.33
P09 1QD M . 8.58 -4.40 -10.69
H131 1QD M . 6.63 -4.62 -7.21
H151 1QD M . 9.62 -5.65 -5.16
H161 1QD M . 6.98 -6.58 -4.55
H011 1QD M . 6.53 -9.80 -15.16
H021 1QD M . 3.94 -9.31 -13.81
H031 1QD M . 3.81 -6.94 -14.14
H041 1QD M . 5.92 -6.93 -16.42
H141 1QD M . 9.46 -6.03 -7.64
O10 1QD N . 30.69 -15.80 46.46
C13 1QD N . 32.82 -17.30 50.12
C15 1QD N . 33.82 -16.91 52.22
C16 1QD N . 33.14 -18.29 52.19
C19 1QD N . 35.28 -19.53 51.82
C01 1QD N . 28.81 -23.02 45.51
C02 1QD N . 27.35 -22.81 45.94
C03 1QD N . 26.85 -21.73 44.98
C04 1QD N . 28.12 -20.97 44.65
C05 1QD N . 28.40 -19.92 45.67
C12 1QD N . 33.08 -17.67 48.68
C14 1QD N . 34.04 -16.64 50.73
C21 1QD N . 35.11 -21.07 53.38
C22 1QD N . 34.00 -20.29 53.45
C24 1QD N . 33.16 -21.57 55.24
C26 1QD N . 35.21 -22.16 54.31
C37 1QD N . 30.80 -22.15 46.76
C38 1QD N . 31.68 -22.07 47.90
C39 1QD N . 31.41 -22.85 49.00
C40 1QD N . 30.27 -23.71 48.97
C41 1QD N . 29.45 -23.74 47.83
C42 1QD N . 32.26 -22.80 50.15
C43 1QD N . 33.37 -21.94 50.15
C44 1QD N . 33.64 -21.15 49.01
C45 1QD N . 32.81 -21.20 47.89
I46 1QD N . 31.85 -23.99 51.83
N18 1QD N . 34.11 -19.34 52.47
N20 1QD N . 35.89 -20.57 52.36
N23 1QD N . 33.01 -20.55 54.40
N25 1QD N . 34.24 -22.36 55.21
N27 1QD N . 36.38 -23.03 54.29
N36 1QD N . 29.75 -22.96 46.77
O06 1QD N . 29.81 -19.62 45.63
O08 1QD N . 31.71 -17.86 45.33
O11 1QD N . 31.85 -17.58 47.96
O17 1QD N . 32.57 -18.49 50.91
O28 1QD N . 32.95 -15.94 52.78
O29 1QD N . 34.06 -15.25 50.46
O30 1QD N . 33.12 -16.07 46.36
O31 1QD N . 30.50 -18.82 43.35
O32 1QD N . 29.31 -17.30 44.80
O33 1QD N . 29.16 -21.97 44.64
O34 1QD N . 26.30 -22.33 43.81
O35 1QD N . 26.60 -24.00 45.78
P07 1QD N . 30.31 -18.39 44.75
P09 1QD N . 31.85 -16.80 46.50
H131 1QD N . 31.95 -16.62 50.19
H151 1QD N . 34.79 -16.96 52.77
H161 1QD N . 32.25 -18.31 53.04
H011 1QD N . 28.91 -23.95 45.01
H021 1QD N . 27.29 -22.42 47.07
H031 1QD N . 26.03 -21.00 45.53
H041 1QD N . 28.03 -20.52 43.65
H141 1QD N . 35.08 -17.18 50.34
O10 1QD O . 3.97 10.81 -38.40
C13 1QD O . 2.77 8.17 -36.43
C15 1QD O . 3.85 7.87 -34.41
C16 1QD O . 3.00 6.64 -34.72
C19 1QD O . 5.13 5.34 -34.99
C01 1QD O . 2.78 6.08 -44.02
C02 1QD O . 1.32 6.50 -44.23
C03 1QD O . 1.47 7.80 -45.02
C04 1QD O . 2.80 8.34 -44.50
C05 1QD O . 2.57 9.30 -43.36
C12 1QD O . 2.81 8.23 -37.95
C14 1QD O . 4.16 8.37 -35.82
C21 1QD O . 4.38 3.30 -34.72
C22 1QD O . 3.33 4.16 -34.60
C24 1QD O . 1.87 2.35 -34.22
C26 1QD O . 4.12 1.89 -34.57
C37 1QD O . 3.85 5.82 -41.77
C38 1QD O . 4.01 5.23 -40.48
C39 1QD O . 3.19 4.18 -40.12
C40 1QD O . 2.19 3.74 -41.05
C41 1QD O . 2.09 4.37 -42.29
C42 1QD O . 3.33 3.57 -38.84
C43 1QD O . 4.30 4.03 -37.95
C44 1QD O . 5.14 5.09 -38.32
C45 1QD O . 5.01 5.69 -39.58
I46 1QD O . 2.07 1.98 -38.28
N18 1QD O . 3.81 5.42 -34.77
N20 1QD O . 5.49 4.07 -34.96
N23 1QD O . 2.05 3.65 -34.35
N25 1QD O . 2.87 1.47 -34.32
N27 1QD O . 5.21 0.94 -34.68
N36 1QD O . 2.92 5.38 -42.61
O06 1QD O . 3.86 9.60 -42.80
O08 1QD O . 5.00 9.68 -40.44
O11 1QD O . 4.18 8.22 -38.40
O17 1QD O . 2.38 6.84 -35.98
O28 1QD O . 3.08 8.84 -33.70
O29 1QD O . 4.52 9.75 -35.80
O30 1QD O . 6.19 9.79 -38.24
O31 1QD O . 4.30 11.77 -41.62
O32 1QD O . 2.59 10.30 -40.76
O33 1QD O . 3.58 7.22 -44.05
O34 1QD O . 1.56 7.52 -46.41
O35 1QD O . 0.62 5.55 -45.00
P07 1QD O . 3.93 10.36 -41.40
P09 1QD O . 4.86 9.66 -38.86
H131 1QD O . 2.08 8.92 -36.05
H151 1QD O . 4.79 7.62 -33.86
H161 1QD O . 2.13 6.52 -33.86
H011 1QD O . 3.08 5.40 -44.80
H021 1QD O . 0.78 6.71 -43.19
H031 1QD O . 0.55 8.58 -44.77
H041 1QD O . 3.32 8.85 -45.32
H141 1QD O . 5.01 7.68 -36.35
O10 1QD P . -11.25 34.45 -45.92
C13 1QD P . -13.05 36.82 -49.02
C15 1QD P . -12.34 37.95 -50.94
C16 1QD P . -13.75 37.37 -51.15
C19 1QD P . -14.80 39.64 -50.94
C01 1QD P . -18.32 32.96 -45.22
C02 1QD P . -18.21 31.49 -45.67
C03 1QD P . -16.99 30.94 -44.94
C04 1QD P . -16.55 32.06 -44.00
C05 1QD P . -15.05 32.22 -44.04
C12 1QD P . -13.54 36.94 -47.59
C14 1QD P . -12.27 38.06 -49.42
C21 1QD P . -16.30 39.53 -52.55
C22 1QD P . -15.62 38.35 -52.52
C24 1QD P . -16.92 37.53 -54.31
C26 1QD P . -17.34 39.69 -53.53
C37 1QD P . -17.61 34.99 -46.48
C38 1QD P . -17.62 35.89 -47.60
C39 1QD P . -18.43 35.60 -48.67
C40 1QD P . -19.23 34.42 -48.63
C41 1QD P . -19.17 33.60 -47.50
C42 1QD P . -18.46 36.48 -49.80
C43 1QD P . -17.66 37.63 -49.81
C44 1QD P . -16.83 37.93 -48.71
C45 1QD P . -16.81 37.06 -47.61
I46 1QD P . -19.69 36.06 -51.46
N18 1QD P . -14.69 38.43 -51.53
N20 1QD P . -15.76 40.32 -51.56
N23 1QD P . -15.95 37.34 -53.43
N25 1QD P . -17.62 38.68 -54.37
N27 1QD P . -18.10 40.93 -53.60
N36 1QD P . -18.37 33.91 -46.47
O06 1QD P . -14.74 33.63 -44.03
O08 1QD P . -12.93 35.48 -44.29
O11 1QD P . -13.31 35.69 -46.91
O17 1QD P . -14.17 36.77 -49.93
O28 1QD P . -11.36 37.05 -51.44
O29 1QD P . -10.92 37.98 -48.98
O30 1QD P . -11.41 36.88 -45.71
O31 1QD P . -13.28 34.31 -42.10
O32 1QD P . -12.30 33.07 -43.91
O33 1QD P . -17.16 33.27 -44.47
O34 1QD P . -17.36 29.79 -44.19
O35 1QD P . -19.37 30.76 -45.29
P07 1QD P . -13.29 34.10 -43.57
P09 1QD P . -12.20 35.63 -45.70
H131 1QD P . -12.42 35.92 -49.13
H151 1QD P . -12.24 38.96 -51.42
H161 1QD P . -13.72 36.53 -52.04
H011 1QD P . -19.19 33.09 -44.60
H021 1QD P . -18.05 31.44 -46.85
H031 1QD P . -16.09 30.67 -45.74
H041 1QD P . -16.89 31.85 -42.99
H141 1QD P . -12.81 39.08 -49.02
#